data_8EPF
# 
_entry.id   8EPF 
# 
_audit_conform.dict_name       mmcif_pdbx.dic 
_audit_conform.dict_version    5.389 
_audit_conform.dict_location   http://mmcif.pdb.org/dictionaries/ascii/mmcif_pdbx.dic 
# 
loop_
_database_2.database_id 
_database_2.database_code 
_database_2.pdbx_database_accession 
_database_2.pdbx_DOI 
PDB   8EPF         pdb_00008epf 10.2210/pdb8epf/pdb 
WWPDB D_1000269167 ?            ?                   
# 
loop_
_pdbx_audit_revision_history.ordinal 
_pdbx_audit_revision_history.data_content_type 
_pdbx_audit_revision_history.major_revision 
_pdbx_audit_revision_history.minor_revision 
_pdbx_audit_revision_history.revision_date 
1 'Structure model' 1 0 2023-03-08 
2 'Structure model' 1 1 2023-03-15 
3 'Structure model' 1 2 2024-04-03 
# 
_pdbx_audit_revision_details.ordinal             1 
_pdbx_audit_revision_details.revision_ordinal    1 
_pdbx_audit_revision_details.data_content_type   'Structure model' 
_pdbx_audit_revision_details.provider            repository 
_pdbx_audit_revision_details.type                'Initial release' 
_pdbx_audit_revision_details.description         ? 
_pdbx_audit_revision_details.details             ? 
# 
loop_
_pdbx_audit_revision_group.ordinal 
_pdbx_audit_revision_group.revision_ordinal 
_pdbx_audit_revision_group.data_content_type 
_pdbx_audit_revision_group.group 
1 2 'Structure model' 'Database references'    
2 3 'Structure model' 'Data collection'        
3 3 'Structure model' 'Refinement description' 
# 
loop_
_pdbx_audit_revision_category.ordinal 
_pdbx_audit_revision_category.revision_ordinal 
_pdbx_audit_revision_category.data_content_type 
_pdbx_audit_revision_category.category 
1 2 'Structure model' citation                      
2 2 'Structure model' citation_author               
3 3 'Structure model' chem_comp_atom                
4 3 'Structure model' chem_comp_bond                
5 3 'Structure model' pdbx_initial_refinement_model 
# 
loop_
_pdbx_audit_revision_item.ordinal 
_pdbx_audit_revision_item.revision_ordinal 
_pdbx_audit_revision_item.data_content_type 
_pdbx_audit_revision_item.item 
1 2 'Structure model' '_citation.journal_volume'          
2 2 'Structure model' '_citation.page_first'              
3 2 'Structure model' '_citation.page_last'               
4 2 'Structure model' '_citation_author.identifier_ORCID' 
# 
_pdbx_database_status.status_code                     REL 
_pdbx_database_status.status_code_sf                  REL 
_pdbx_database_status.status_code_mr                  ? 
_pdbx_database_status.entry_id                        8EPF 
_pdbx_database_status.recvd_initial_deposition_date   2022-10-05 
_pdbx_database_status.SG_entry                        N 
_pdbx_database_status.deposit_site                    RCSB 
_pdbx_database_status.process_site                    RCSB 
_pdbx_database_status.status_code_cs                  ? 
_pdbx_database_status.status_code_nmr_data            ? 
_pdbx_database_status.methods_development_category    ? 
_pdbx_database_status.pdb_format_compatible           Y 
# 
_pdbx_contact_author.id                 2 
_pdbx_contact_author.email              mao@purdue.edu 
_pdbx_contact_author.name_first         Chengde 
_pdbx_contact_author.name_last          Mao 
_pdbx_contact_author.name_mi            ? 
_pdbx_contact_author.role               'principal investigator/group leader' 
_pdbx_contact_author.identifier_ORCID   0000-0001-7516-8666 
# 
loop_
_audit_author.name 
_audit_author.pdbx_ordinal 
_audit_author.identifier_ORCID 
'Zhang, C.'    1 0000-0003-3342-7003 
'Zhao, J.'     2 ?                   
'Lu, B.'       3 ?                   
'Sha, R.'      4 0000-0002-0807-734X 
'Seeman, N.C.' 5 0000-0002-9680-4649 
'Noinaj, N.'   6 ?                   
'Mao, C.'      7 0000-0001-7516-8666 
# 
_citation.abstract                  ? 
_citation.abstract_id_CAS           ? 
_citation.book_id_ISBN              ? 
_citation.book_publisher            ? 
_citation.book_publisher_city       ? 
_citation.book_title                ? 
_citation.coordinate_linkage        ? 
_citation.country                   US 
_citation.database_id_Medline       ? 
_citation.details                   ? 
_citation.id                        primary 
_citation.journal_abbrev            J.Am.Chem.Soc. 
_citation.journal_id_ASTM           JACSAT 
_citation.journal_id_CSD            ? 
_citation.journal_id_ISSN           1520-5126 
_citation.journal_full              ? 
_citation.journal_issue             ? 
_citation.journal_volume            145 
_citation.language                  ? 
_citation.page_first                4853 
_citation.page_last                 4859 
_citation.title                     'Engineering DNA Crystals toward Studying DNA-Guest Molecule Interactions.' 
_citation.year                      2023 
_citation.database_id_CSD           ? 
_citation.pdbx_database_id_DOI      10.1021/jacs.3c00081 
_citation.pdbx_database_id_PubMed   36791277 
_citation.pdbx_database_id_patent   ? 
_citation.unpublished_flag          ? 
# 
loop_
_citation_author.citation_id 
_citation_author.name 
_citation_author.ordinal 
_citation_author.identifier_ORCID 
primary 'Zhang, C.'    1 ? 
primary 'Zhao, J.'     2 ? 
primary 'Lu, B.'       3 ? 
primary 'Seeman, N.C.' 4 ? 
primary 'Sha, R.'      5 ? 
primary 'Noinaj, N.'   6 ? 
primary 'Mao, C.'      7 ? 
# 
loop_
_entity.id 
_entity.type 
_entity.src_method 
_entity.pdbx_description 
_entity.formula_weight 
_entity.pdbx_number_of_molecules 
_entity.pdbx_ec 
_entity.pdbx_mutation 
_entity.pdbx_fragment 
_entity.details 
1 polymer syn 
;DNA (5'-D(*GP*TP*AP*CP*CP*AP*GP*CP*CP*GP*AP*AP*CP*CP*TP*G)-3')
;
4868.169 1 ? ? ? ? 
2 polymer syn 
;DNA (5'-D(*AP*CP*GP*CP*TP*GP*GP*TP*GP*GP*TP*TP*CP*GP*CP*A)-3')
;
4930.189 1 ? ? ? ? 
# 
loop_
_entity_poly.entity_id 
_entity_poly.type 
_entity_poly.nstd_linkage 
_entity_poly.nstd_monomer 
_entity_poly.pdbx_seq_one_letter_code 
_entity_poly.pdbx_seq_one_letter_code_can 
_entity_poly.pdbx_strand_id 
_entity_poly.pdbx_target_identifier 
1 polydeoxyribonucleotide no no '(DG)(DT)(DA)(DC)(DC)(DA)(DG)(DC)(DC)(DG)(DA)(DA)(DC)(DC)(DT)(DG)' GTACCAGCCGAACCTG A ? 
2 polydeoxyribonucleotide no no '(DA)(DC)(DG)(DC)(DT)(DG)(DG)(DT)(DG)(DG)(DT)(DT)(DC)(DG)(DC)(DA)' ACGCTGGTGGTTCGCA B ? 
# 
loop_
_entity_poly_seq.entity_id 
_entity_poly_seq.num 
_entity_poly_seq.mon_id 
_entity_poly_seq.hetero 
1 1  DG n 
1 2  DT n 
1 3  DA n 
1 4  DC n 
1 5  DC n 
1 6  DA n 
1 7  DG n 
1 8  DC n 
1 9  DC n 
1 10 DG n 
1 11 DA n 
1 12 DA n 
1 13 DC n 
1 14 DC n 
1 15 DT n 
1 16 DG n 
2 1  DA n 
2 2  DC n 
2 3  DG n 
2 4  DC n 
2 5  DT n 
2 6  DG n 
2 7  DG n 
2 8  DT n 
2 9  DG n 
2 10 DG n 
2 11 DT n 
2 12 DT n 
2 13 DC n 
2 14 DG n 
2 15 DC n 
2 16 DA n 
# 
loop_
_pdbx_entity_src_syn.entity_id 
_pdbx_entity_src_syn.pdbx_src_id 
_pdbx_entity_src_syn.pdbx_alt_source_flag 
_pdbx_entity_src_syn.pdbx_beg_seq_num 
_pdbx_entity_src_syn.pdbx_end_seq_num 
_pdbx_entity_src_syn.organism_scientific 
_pdbx_entity_src_syn.organism_common_name 
_pdbx_entity_src_syn.ncbi_taxonomy_id 
_pdbx_entity_src_syn.details 
1 1 sample 1 16 'synthetic construct' ? 32630 ? 
2 1 sample 1 16 'synthetic construct' ? 32630 ? 
# 
loop_
_chem_comp.id 
_chem_comp.type 
_chem_comp.mon_nstd_flag 
_chem_comp.name 
_chem_comp.pdbx_synonyms 
_chem_comp.formula 
_chem_comp.formula_weight 
DA 'DNA linking' y "2'-DEOXYADENOSINE-5'-MONOPHOSPHATE" ? 'C10 H14 N5 O6 P' 331.222 
DC 'DNA linking' y "2'-DEOXYCYTIDINE-5'-MONOPHOSPHATE"  ? 'C9 H14 N3 O7 P'  307.197 
DG 'DNA linking' y "2'-DEOXYGUANOSINE-5'-MONOPHOSPHATE" ? 'C10 H14 N5 O7 P' 347.221 
DT 'DNA linking' y "THYMIDINE-5'-MONOPHOSPHATE"         ? 'C10 H15 N2 O8 P' 322.208 
# 
loop_
_pdbx_poly_seq_scheme.asym_id 
_pdbx_poly_seq_scheme.entity_id 
_pdbx_poly_seq_scheme.seq_id 
_pdbx_poly_seq_scheme.mon_id 
_pdbx_poly_seq_scheme.ndb_seq_num 
_pdbx_poly_seq_scheme.pdb_seq_num 
_pdbx_poly_seq_scheme.auth_seq_num 
_pdbx_poly_seq_scheme.pdb_mon_id 
_pdbx_poly_seq_scheme.auth_mon_id 
_pdbx_poly_seq_scheme.pdb_strand_id 
_pdbx_poly_seq_scheme.pdb_ins_code 
_pdbx_poly_seq_scheme.hetero 
A 1 1  DG 1  1  1  DG DG A . n 
A 1 2  DT 2  2  2  DT DT A . n 
A 1 3  DA 3  3  3  DA DA A . n 
A 1 4  DC 4  4  4  DC DC A . n 
A 1 5  DC 5  5  5  DC DC A . n 
A 1 6  DA 6  6  6  DA DA A . n 
A 1 7  DG 7  7  7  DG DG A . n 
A 1 8  DC 8  8  8  DC DC A . n 
A 1 9  DC 9  9  9  DC DC A . n 
A 1 10 DG 10 10 10 DG DG A . n 
A 1 11 DA 11 11 11 DA DA A . n 
A 1 12 DA 12 12 12 DA DA A . n 
A 1 13 DC 13 13 13 DC DC A . n 
A 1 14 DC 14 14 14 DC DC A . n 
A 1 15 DT 15 15 15 DT DT A . n 
A 1 16 DG 16 16 16 DG DG A . n 
B 2 1  DA 1  1  1  DA DA B . n 
B 2 2  DC 2  2  2  DC DC B . n 
B 2 3  DG 3  3  3  DG DG B . n 
B 2 4  DC 4  4  4  DC DC B . n 
B 2 5  DT 5  5  5  DT DT B . n 
B 2 6  DG 6  6  6  DG DG B . n 
B 2 7  DG 7  7  7  DG DG B . n 
B 2 8  DT 8  8  8  DT DT B . n 
B 2 9  DG 9  9  9  DG DG B . n 
B 2 10 DG 10 10 10 DG DG B . n 
B 2 11 DT 11 11 11 DT DT B . n 
B 2 12 DT 12 12 12 DT DT B . n 
B 2 13 DC 13 13 13 DC DC B . n 
B 2 14 DG 14 14 14 DG DG B . n 
B 2 15 DC 15 15 15 DC DC B . n 
B 2 16 DA 16 16 16 DA DA B . n 
# 
loop_
_software.citation_id 
_software.classification 
_software.compiler_name 
_software.compiler_version 
_software.contact_author 
_software.contact_author_email 
_software.date 
_software.description 
_software.dependencies 
_software.hardware 
_software.language 
_software.location 
_software.mods 
_software.name 
_software.os 
_software.os_version 
_software.type 
_software.version 
_software.pdbx_ordinal 
? refinement       ? ? ? ? ? ? ? ? ? ? ? PHENIX    ? ? ? 1.20.1_4487 1 
? 'data reduction' ? ? ? ? ? ? ? ? ? ? ? autoPROC  ? ? ? .           2 
? 'data scaling'   ? ? ? ? ? ? ? ? ? ? ? STARANISO ? ? ? .           3 
? phasing          ? ? ? ? ? ? ? ? ? ? ? PHASER    ? ? ? .           4 
# 
_cell.angle_alpha                  90.000 
_cell.angle_alpha_esd              ? 
_cell.angle_beta                   90.000 
_cell.angle_beta_esd               ? 
_cell.angle_gamma                  90.000 
_cell.angle_gamma_esd              ? 
_cell.entry_id                     8EPF 
_cell.details                      ? 
_cell.formula_units_Z              ? 
_cell.length_a                     33.582 
_cell.length_a_esd                 ? 
_cell.length_b                     33.582 
_cell.length_b_esd                 ? 
_cell.length_c                     105.972 
_cell.length_c_esd                 ? 
_cell.volume                       119510.000 
_cell.volume_esd                   ? 
_cell.Z_PDB                        4 
_cell.reciprocal_angle_alpha       ? 
_cell.reciprocal_angle_beta        ? 
_cell.reciprocal_angle_gamma       ? 
_cell.reciprocal_angle_alpha_esd   ? 
_cell.reciprocal_angle_beta_esd    ? 
_cell.reciprocal_angle_gamma_esd   ? 
_cell.reciprocal_length_a          ? 
_cell.reciprocal_length_b          ? 
_cell.reciprocal_length_c          ? 
_cell.reciprocal_length_a_esd      ? 
_cell.reciprocal_length_b_esd      ? 
_cell.reciprocal_length_c_esd      ? 
_cell.pdbx_unique_axis             ? 
_cell.pdbx_esd_method              ? 
# 
_symmetry.entry_id                         8EPF 
_symmetry.cell_setting                     ? 
_symmetry.Int_Tables_number                78 
_symmetry.space_group_name_Hall            'P 4cw' 
_symmetry.space_group_name_H-M             'P 43' 
_symmetry.pdbx_full_space_group_name_H-M   ? 
# 
_exptl.absorpt_coefficient_mu     ? 
_exptl.absorpt_correction_T_max   ? 
_exptl.absorpt_correction_T_min   ? 
_exptl.absorpt_correction_type    ? 
_exptl.absorpt_process_details    ? 
_exptl.entry_id                   8EPF 
_exptl.crystals_number            1 
_exptl.details                    ? 
_exptl.method                     'X-RAY DIFFRACTION' 
_exptl.method_details             ? 
# 
_exptl_crystal.colour                       ? 
_exptl_crystal.density_diffrn               ? 
_exptl_crystal.density_Matthews             3.05 
_exptl_crystal.density_method               ? 
_exptl_crystal.density_percent_sol          59.66 
_exptl_crystal.description                  ? 
_exptl_crystal.F_000                        ? 
_exptl_crystal.id                           1 
_exptl_crystal.preparation                  ? 
_exptl_crystal.size_max                     ? 
_exptl_crystal.size_mid                     ? 
_exptl_crystal.size_min                     ? 
_exptl_crystal.size_rad                     ? 
_exptl_crystal.colour_lustre                ? 
_exptl_crystal.colour_modifier              ? 
_exptl_crystal.colour_primary               ? 
_exptl_crystal.density_meas                 ? 
_exptl_crystal.density_meas_esd             ? 
_exptl_crystal.density_meas_gt              ? 
_exptl_crystal.density_meas_lt              ? 
_exptl_crystal.density_meas_temp            ? 
_exptl_crystal.density_meas_temp_esd        ? 
_exptl_crystal.density_meas_temp_gt         ? 
_exptl_crystal.density_meas_temp_lt         ? 
_exptl_crystal.pdbx_crystal_image_url       ? 
_exptl_crystal.pdbx_crystal_image_format    ? 
_exptl_crystal.pdbx_mosaicity               ? 
_exptl_crystal.pdbx_mosaicity_esd           ? 
_exptl_crystal.pdbx_mosaic_method           ? 
_exptl_crystal.pdbx_mosaic_block_size       ? 
_exptl_crystal.pdbx_mosaic_block_size_esd   ? 
# 
_exptl_crystal_grow.apparatus       ? 
_exptl_crystal_grow.atmosphere      ? 
_exptl_crystal_grow.crystal_id      1 
_exptl_crystal_grow.details         ? 
_exptl_crystal_grow.method          'VAPOR DIFFUSION, HANGING DROP' 
_exptl_crystal_grow.method_ref      ? 
_exptl_crystal_grow.pH              ? 
_exptl_crystal_grow.pressure        ? 
_exptl_crystal_grow.pressure_esd    ? 
_exptl_crystal_grow.seeding         ? 
_exptl_crystal_grow.seeding_ref     ? 
_exptl_crystal_grow.temp            295 
_exptl_crystal_grow.temp_details    ? 
_exptl_crystal_grow.temp_esd        ? 
_exptl_crystal_grow.time            ? 
_exptl_crystal_grow.pdbx_details    
;0.5 ug/uL motif
0.005 M magnesium sulfate hydrate, 0.005 M HEPES sodium pH 7.0, 0.16 M lithium sulfate monohydrate, 4 % MPD at pH 7.0
;
_exptl_crystal_grow.pdbx_pH_range   ? 
# 
_diffrn.ambient_environment              ? 
_diffrn.ambient_temp                     100 
_diffrn.ambient_temp_details             ? 
_diffrn.ambient_temp_esd                 ? 
_diffrn.crystal_id                       1 
_diffrn.crystal_support                  ? 
_diffrn.crystal_treatment                ? 
_diffrn.details                          ? 
_diffrn.id                               1 
_diffrn.ambient_pressure                 ? 
_diffrn.ambient_pressure_esd             ? 
_diffrn.ambient_pressure_gt              ? 
_diffrn.ambient_pressure_lt              ? 
_diffrn.ambient_temp_gt                  ? 
_diffrn.ambient_temp_lt                  ? 
_diffrn.pdbx_serial_crystal_experiment   N 
# 
_diffrn_detector.details                      ? 
_diffrn_detector.detector                     PIXEL 
_diffrn_detector.diffrn_id                    1 
_diffrn_detector.type                         'DECTRIS EIGER X 16M' 
_diffrn_detector.area_resol_mean              ? 
_diffrn_detector.dtime                        ? 
_diffrn_detector.pdbx_frames_total            ? 
_diffrn_detector.pdbx_collection_time_total   ? 
_diffrn_detector.pdbx_collection_date         2022-06-11 
_diffrn_detector.pdbx_frequency               ? 
# 
_diffrn_radiation.collimation                      ? 
_diffrn_radiation.diffrn_id                        1 
_diffrn_radiation.filter_edge                      ? 
_diffrn_radiation.inhomogeneity                    ? 
_diffrn_radiation.monochromator                    ? 
_diffrn_radiation.polarisn_norm                    ? 
_diffrn_radiation.polarisn_ratio                   ? 
_diffrn_radiation.probe                            ? 
_diffrn_radiation.type                             ? 
_diffrn_radiation.xray_symbol                      ? 
_diffrn_radiation.wavelength_id                    1 
_diffrn_radiation.pdbx_monochromatic_or_laue_m_l   M 
_diffrn_radiation.pdbx_wavelength_list             ? 
_diffrn_radiation.pdbx_wavelength                  ? 
_diffrn_radiation.pdbx_diffrn_protocol             'SINGLE WAVELENGTH' 
_diffrn_radiation.pdbx_analyzer                    ? 
_diffrn_radiation.pdbx_scattering_type             x-ray 
# 
_diffrn_radiation_wavelength.id           1 
_diffrn_radiation_wavelength.wavelength   1.03 
_diffrn_radiation_wavelength.wt           1.0 
# 
_diffrn_source.current                     ? 
_diffrn_source.details                     ? 
_diffrn_source.diffrn_id                   1 
_diffrn_source.power                       ? 
_diffrn_source.size                        ? 
_diffrn_source.source                      SYNCHROTRON 
_diffrn_source.target                      ? 
_diffrn_source.type                        'APS BEAMLINE 23-ID-B' 
_diffrn_source.voltage                     ? 
_diffrn_source.take-off_angle              ? 
_diffrn_source.pdbx_wavelength_list        1.03 
_diffrn_source.pdbx_wavelength             ? 
_diffrn_source.pdbx_synchrotron_beamline   23-ID-B 
_diffrn_source.pdbx_synchrotron_site       APS 
# 
_reflns.B_iso_Wilson_estimate                          ? 
_reflns.entry_id                                       8EPF 
_reflns.data_reduction_details                         ? 
_reflns.data_reduction_method                          ? 
_reflns.d_resolution_high                              2.608 
_reflns.d_resolution_low                               33.582 
_reflns.details                                        ? 
_reflns.limit_h_max                                    ? 
_reflns.limit_h_min                                    ? 
_reflns.limit_k_max                                    ? 
_reflns.limit_k_min                                    ? 
_reflns.limit_l_max                                    ? 
_reflns.limit_l_min                                    ? 
_reflns.number_all                                     ? 
_reflns.number_obs                                     3756 
_reflns.observed_criterion                             ? 
_reflns.observed_criterion_F_max                       ? 
_reflns.observed_criterion_F_min                       ? 
_reflns.observed_criterion_I_max                       ? 
_reflns.observed_criterion_I_min                       ? 
_reflns.observed_criterion_sigma_F                     ? 
_reflns.observed_criterion_sigma_I                     ? 
_reflns.percent_possible_obs                           80.5 
_reflns.R_free_details                                 ? 
_reflns.Rmerge_F_all                                   ? 
_reflns.Rmerge_F_obs                                   ? 
_reflns.Friedel_coverage                               ? 
_reflns.number_gt                                      ? 
_reflns.threshold_expression                           ? 
_reflns.pdbx_redundancy                                12.7 
_reflns.pdbx_Rmerge_I_obs                              ? 
_reflns.pdbx_Rmerge_I_all                              ? 
_reflns.pdbx_Rsym_value                                ? 
_reflns.pdbx_netI_over_av_sigmaI                       ? 
_reflns.pdbx_netI_over_sigmaI                          8.6 
_reflns.pdbx_res_netI_over_av_sigmaI_2                 ? 
_reflns.pdbx_res_netI_over_sigmaI_2                    ? 
_reflns.pdbx_chi_squared                               ? 
_reflns.pdbx_scaling_rejects                           ? 
_reflns.pdbx_d_res_high_opt                            ? 
_reflns.pdbx_d_res_low_opt                             ? 
_reflns.pdbx_d_res_opt_method                          ? 
_reflns.phase_calculation_details                      ? 
_reflns.pdbx_Rrim_I_all                                ? 
_reflns.pdbx_Rpim_I_all                                ? 
_reflns.pdbx_d_opt                                     ? 
_reflns.pdbx_number_measured_all                       ? 
_reflns.pdbx_diffrn_id                                 1 
_reflns.pdbx_ordinal                                   1 
_reflns.pdbx_CC_half                                   1.00 
_reflns.pdbx_CC_star                                   ? 
_reflns.pdbx_R_split                                   ? 
_reflns.pdbx_aniso_diffraction_limit_axis_1_ortho[1]   ? 
_reflns.pdbx_aniso_diffraction_limit_axis_1_ortho[2]   ? 
_reflns.pdbx_aniso_diffraction_limit_axis_1_ortho[3]   ? 
_reflns.pdbx_aniso_diffraction_limit_axis_2_ortho[1]   ? 
_reflns.pdbx_aniso_diffraction_limit_axis_2_ortho[2]   ? 
_reflns.pdbx_aniso_diffraction_limit_axis_2_ortho[3]   ? 
_reflns.pdbx_aniso_diffraction_limit_axis_3_ortho[1]   ? 
_reflns.pdbx_aniso_diffraction_limit_axis_3_ortho[2]   ? 
_reflns.pdbx_aniso_diffraction_limit_axis_3_ortho[3]   ? 
_reflns.pdbx_aniso_diffraction_limit_1                 ? 
_reflns.pdbx_aniso_diffraction_limit_2                 ? 
_reflns.pdbx_aniso_diffraction_limit_3                 ? 
_reflns.pdbx_aniso_B_tensor_eigenvector_1_ortho[1]     ? 
_reflns.pdbx_aniso_B_tensor_eigenvector_1_ortho[2]     ? 
_reflns.pdbx_aniso_B_tensor_eigenvector_1_ortho[3]     ? 
_reflns.pdbx_aniso_B_tensor_eigenvector_2_ortho[1]     ? 
_reflns.pdbx_aniso_B_tensor_eigenvector_2_ortho[2]     ? 
_reflns.pdbx_aniso_B_tensor_eigenvector_2_ortho[3]     ? 
_reflns.pdbx_aniso_B_tensor_eigenvector_3_ortho[1]     ? 
_reflns.pdbx_aniso_B_tensor_eigenvector_3_ortho[2]     ? 
_reflns.pdbx_aniso_B_tensor_eigenvector_3_ortho[3]     ? 
_reflns.pdbx_aniso_B_tensor_eigenvalue_1               ? 
_reflns.pdbx_aniso_B_tensor_eigenvalue_2               ? 
_reflns.pdbx_aniso_B_tensor_eigenvalue_3               ? 
_reflns.pdbx_orthogonalization_convention              ? 
_reflns.pdbx_percent_possible_ellipsoidal              ? 
_reflns.pdbx_percent_possible_spherical                ? 
_reflns.pdbx_percent_possible_ellipsoidal_anomalous    ? 
_reflns.pdbx_percent_possible_spherical_anomalous      ? 
_reflns.pdbx_redundancy_anomalous                      ? 
_reflns.pdbx_CC_half_anomalous                         ? 
_reflns.pdbx_absDiff_over_sigma_anomalous              ? 
_reflns.pdbx_percent_possible_anomalous                ? 
_reflns.pdbx_observed_signal_threshold                 ? 
_reflns.pdbx_signal_type                               ? 
_reflns.pdbx_signal_details                            ? 
_reflns.pdbx_signal_software_id                        ? 
_reflns.pdbx_CC_split_method                           ? 
# 
_reflns_shell.d_res_high                                    2.608 
_reflns_shell.d_res_low                                     3.060 
_reflns_shell.meanI_over_sigI_all                           ? 
_reflns_shell.meanI_over_sigI_obs                           ? 
_reflns_shell.number_measured_all                           ? 
_reflns_shell.number_measured_obs                           ? 
_reflns_shell.number_possible                               ? 
_reflns_shell.number_unique_all                             ? 
_reflns_shell.number_unique_obs                             418 
_reflns_shell.percent_possible_all                          ? 
_reflns_shell.percent_possible_obs                          ? 
_reflns_shell.Rmerge_F_all                                  ? 
_reflns_shell.Rmerge_F_obs                                  ? 
_reflns_shell.Rmerge_I_all                                  ? 
_reflns_shell.Rmerge_I_obs                                  ? 
_reflns_shell.meanI_over_sigI_gt                            ? 
_reflns_shell.meanI_over_uI_all                             ? 
_reflns_shell.meanI_over_uI_gt                              ? 
_reflns_shell.number_measured_gt                            ? 
_reflns_shell.number_unique_gt                              ? 
_reflns_shell.percent_possible_gt                           ? 
_reflns_shell.Rmerge_F_gt                                   ? 
_reflns_shell.Rmerge_I_gt                                   ? 
_reflns_shell.pdbx_redundancy                               14.1 
_reflns_shell.pdbx_Rsym_value                               ? 
_reflns_shell.pdbx_chi_squared                              ? 
_reflns_shell.pdbx_netI_over_sigmaI_all                     ? 
_reflns_shell.pdbx_netI_over_sigmaI_obs                     ? 
_reflns_shell.pdbx_Rrim_I_all                               ? 
_reflns_shell.pdbx_Rpim_I_all                               ? 
_reflns_shell.pdbx_rejects                                  ? 
_reflns_shell.pdbx_ordinal                                  1 
_reflns_shell.pdbx_diffrn_id                                1 
_reflns_shell.pdbx_CC_half                                  0.60 
_reflns_shell.pdbx_CC_star                                  ? 
_reflns_shell.pdbx_R_split                                  ? 
_reflns_shell.pdbx_percent_possible_ellipsoidal             ? 
_reflns_shell.pdbx_percent_possible_spherical               ? 
_reflns_shell.pdbx_percent_possible_ellipsoidal_anomalous   ? 
_reflns_shell.pdbx_percent_possible_spherical_anomalous     ? 
_reflns_shell.pdbx_redundancy_anomalous                     ? 
_reflns_shell.pdbx_CC_half_anomalous                        ? 
_reflns_shell.pdbx_absDiff_over_sigma_anomalous             ? 
_reflns_shell.pdbx_percent_possible_anomalous               ? 
# 
_refine.aniso_B[1][1]                            ? 
_refine.aniso_B[1][2]                            ? 
_refine.aniso_B[1][3]                            ? 
_refine.aniso_B[2][2]                            ? 
_refine.aniso_B[2][3]                            ? 
_refine.aniso_B[3][3]                            ? 
_refine.B_iso_max                                ? 
_refine.B_iso_mean                               45.87 
_refine.B_iso_min                                ? 
_refine.correlation_coeff_Fo_to_Fc               ? 
_refine.correlation_coeff_Fo_to_Fc_free          ? 
_refine.details                                  ? 
_refine.diff_density_max                         ? 
_refine.diff_density_max_esd                     ? 
_refine.diff_density_min                         ? 
_refine.diff_density_min_esd                     ? 
_refine.diff_density_rms                         ? 
_refine.diff_density_rms_esd                     ? 
_refine.entry_id                                 8EPF 
_refine.pdbx_refine_id                           'X-RAY DIFFRACTION' 
_refine.ls_abs_structure_details                 ? 
_refine.ls_abs_structure_Flack                   ? 
_refine.ls_abs_structure_Flack_esd               ? 
_refine.ls_abs_structure_Rogers                  ? 
_refine.ls_abs_structure_Rogers_esd              ? 
_refine.ls_d_res_high                            2.61 
_refine.ls_d_res_low                             33.58 
_refine.ls_extinction_coef                       ? 
_refine.ls_extinction_coef_esd                   ? 
_refine.ls_extinction_expression                 ? 
_refine.ls_extinction_method                     ? 
_refine.ls_goodness_of_fit_all                   ? 
_refine.ls_goodness_of_fit_all_esd               ? 
_refine.ls_goodness_of_fit_obs                   ? 
_refine.ls_goodness_of_fit_obs_esd               ? 
_refine.ls_hydrogen_treatment                    ? 
_refine.ls_matrix_type                           ? 
_refine.ls_number_constraints                    ? 
_refine.ls_number_parameters                     ? 
_refine.ls_number_reflns_all                     ? 
_refine.ls_number_reflns_obs                     3431 
_refine.ls_number_reflns_R_free                  182 
_refine.ls_number_reflns_R_work                  3249 
_refine.ls_number_restraints                     ? 
_refine.ls_percent_reflns_obs                    48.64 
_refine.ls_percent_reflns_R_free                 5.30 
_refine.ls_R_factor_all                          ? 
_refine.ls_R_factor_obs                          0.2198 
_refine.ls_R_factor_R_free                       0.2965 
_refine.ls_R_factor_R_free_error                 ? 
_refine.ls_R_factor_R_free_error_details         ? 
_refine.ls_R_factor_R_work                       0.2141 
_refine.ls_R_Fsqd_factor_obs                     ? 
_refine.ls_R_I_factor_obs                        ? 
_refine.ls_redundancy_reflns_all                 ? 
_refine.ls_redundancy_reflns_obs                 ? 
_refine.ls_restrained_S_all                      ? 
_refine.ls_restrained_S_obs                      ? 
_refine.ls_shift_over_esd_max                    ? 
_refine.ls_shift_over_esd_mean                   ? 
_refine.ls_structure_factor_coef                 ? 
_refine.ls_weighting_details                     ? 
_refine.ls_weighting_scheme                      ? 
_refine.ls_wR_factor_all                         ? 
_refine.ls_wR_factor_obs                         ? 
_refine.ls_wR_factor_R_free                      ? 
_refine.ls_wR_factor_R_work                      ? 
_refine.occupancy_max                            ? 
_refine.occupancy_min                            ? 
_refine.solvent_model_details                    'FLAT BULK SOLVENT MODEL' 
_refine.solvent_model_param_bsol                 ? 
_refine.solvent_model_param_ksol                 ? 
_refine.pdbx_R_complete                          ? 
_refine.ls_R_factor_gt                           ? 
_refine.ls_goodness_of_fit_gt                    ? 
_refine.ls_goodness_of_fit_ref                   ? 
_refine.ls_shift_over_su_max                     ? 
_refine.ls_shift_over_su_max_lt                  ? 
_refine.ls_shift_over_su_mean                    ? 
_refine.ls_shift_over_su_mean_lt                 ? 
_refine.pdbx_ls_sigma_I                          ? 
_refine.pdbx_ls_sigma_F                          1.33 
_refine.pdbx_ls_sigma_Fsqd                       ? 
_refine.pdbx_data_cutoff_high_absF               ? 
_refine.pdbx_data_cutoff_high_rms_absF           ? 
_refine.pdbx_data_cutoff_low_absF                ? 
_refine.pdbx_isotropic_thermal_model             ? 
_refine.pdbx_ls_cross_valid_method               'FREE R-VALUE' 
_refine.pdbx_method_to_determine_struct          'MOLECULAR REPLACEMENT' 
_refine.pdbx_starting_model                      'ideal B type DNA duplexes generated in Cadnano' 
_refine.pdbx_stereochemistry_target_values       'GeoStd + Monomer Library + CDL v1.2' 
_refine.pdbx_R_Free_selection_details            ? 
_refine.pdbx_stereochem_target_val_spec_case     ? 
_refine.pdbx_overall_ESU_R                       ? 
_refine.pdbx_overall_ESU_R_Free                  ? 
_refine.pdbx_solvent_vdw_probe_radii             1.1000 
_refine.pdbx_solvent_ion_probe_radii             ? 
_refine.pdbx_solvent_shrinkage_radii             0.9000 
_refine.pdbx_real_space_R                        ? 
_refine.pdbx_density_correlation                 ? 
_refine.pdbx_pd_number_of_powder_patterns        ? 
_refine.pdbx_pd_number_of_points                 ? 
_refine.pdbx_pd_meas_number_of_points            ? 
_refine.pdbx_pd_proc_ls_prof_R_factor            ? 
_refine.pdbx_pd_proc_ls_prof_wR_factor           ? 
_refine.pdbx_pd_Marquardt_correlation_coeff      ? 
_refine.pdbx_pd_Fsqrd_R_factor                   ? 
_refine.pdbx_pd_ls_matrix_band_width             ? 
_refine.pdbx_overall_phase_error                 23.4722 
_refine.pdbx_overall_SU_R_free_Cruickshank_DPI   ? 
_refine.pdbx_overall_SU_R_free_Blow_DPI          ? 
_refine.pdbx_overall_SU_R_Blow_DPI               ? 
_refine.pdbx_TLS_residual_ADP_flag               ? 
_refine.pdbx_diffrn_id                           1 
_refine.overall_SU_B                             ? 
_refine.overall_SU_ML                            0.6682 
_refine.overall_SU_R_Cruickshank_DPI             ? 
_refine.overall_SU_R_free                        ? 
_refine.overall_FOM_free_R_set                   ? 
_refine.overall_FOM_work_R_set                   ? 
_refine.pdbx_average_fsc_overall                 ? 
_refine.pdbx_average_fsc_work                    ? 
_refine.pdbx_average_fsc_free                    ? 
# 
_refine_hist.pdbx_refine_id                   'X-RAY DIFFRACTION' 
_refine_hist.cycle_id                         LAST 
_refine_hist.details                          ? 
_refine_hist.d_res_high                       2.61 
_refine_hist.d_res_low                        33.58 
_refine_hist.number_atoms_solvent             0 
_refine_hist.number_atoms_total               650 
_refine_hist.number_reflns_all                ? 
_refine_hist.number_reflns_obs                ? 
_refine_hist.number_reflns_R_free             ? 
_refine_hist.number_reflns_R_work             ? 
_refine_hist.R_factor_all                     ? 
_refine_hist.R_factor_obs                     ? 
_refine_hist.R_factor_R_free                  ? 
_refine_hist.R_factor_R_work                  ? 
_refine_hist.pdbx_number_residues_total       ? 
_refine_hist.pdbx_B_iso_mean_ligand           ? 
_refine_hist.pdbx_B_iso_mean_solvent          ? 
_refine_hist.pdbx_number_atoms_protein        0 
_refine_hist.pdbx_number_atoms_nucleic_acid   650 
_refine_hist.pdbx_number_atoms_ligand         0 
_refine_hist.pdbx_number_atoms_lipid          ? 
_refine_hist.pdbx_number_atoms_carb           ? 
_refine_hist.pdbx_pseudo_atom_details         ? 
# 
loop_
_refine_ls_restr.pdbx_refine_id 
_refine_ls_restr.criterion 
_refine_ls_restr.dev_ideal 
_refine_ls_restr.dev_ideal_target 
_refine_ls_restr.number 
_refine_ls_restr.rejects 
_refine_ls_restr.type 
_refine_ls_restr.weight 
_refine_ls_restr.pdbx_restraint_function 
'X-RAY DIFFRACTION' ? 0.0116  ? 728  ? f_bond_d           ? ? 
'X-RAY DIFFRACTION' ? 1.3185  ? 1120 ? f_angle_d          ? ? 
'X-RAY DIFFRACTION' ? 0.0623  ? 126  ? f_chiral_restr     ? ? 
'X-RAY DIFFRACTION' ? 0.0079  ? 32   ? f_plane_restr      ? ? 
'X-RAY DIFFRACTION' ? 38.5774 ? 312  ? f_dihedral_angle_d ? ? 
# 
_refine_ls_shell.pdbx_refine_id                   'X-RAY DIFFRACTION' 
_refine_ls_shell.d_res_high                       2.61 
_refine_ls_shell.d_res_low                        33.58 
_refine_ls_shell.number_reflns_all                ? 
_refine_ls_shell.number_reflns_obs                ? 
_refine_ls_shell.number_reflns_R_free             182 
_refine_ls_shell.number_reflns_R_work             3249 
_refine_ls_shell.percent_reflns_obs               48.64 
_refine_ls_shell.percent_reflns_R_free            ? 
_refine_ls_shell.R_factor_all                     ? 
_refine_ls_shell.R_factor_obs                     ? 
_refine_ls_shell.R_factor_R_free                  0.2965 
_refine_ls_shell.R_factor_R_free_error            ? 
_refine_ls_shell.R_factor_R_work                  0.2141 
_refine_ls_shell.redundancy_reflns_all            ? 
_refine_ls_shell.redundancy_reflns_obs            ? 
_refine_ls_shell.wR_factor_all                    ? 
_refine_ls_shell.wR_factor_obs                    ? 
_refine_ls_shell.wR_factor_R_free                 ? 
_refine_ls_shell.wR_factor_R_work                 ? 
_refine_ls_shell.pdbx_R_complete                  ? 
_refine_ls_shell.pdbx_total_number_of_bins_used   ? 
_refine_ls_shell.pdbx_phase_error                 ? 
_refine_ls_shell.pdbx_fsc_work                    ? 
_refine_ls_shell.pdbx_fsc_free                    ? 
# 
_struct.entry_id                     8EPF 
_struct.title                        'Engineering Crystals with Tunable Symmetries from 14- or 16-Base-Long DNA Strands' 
_struct.pdbx_model_details           ? 
_struct.pdbx_formula_weight          ? 
_struct.pdbx_formula_weight_method   ? 
_struct.pdbx_model_type_details      ? 
_struct.pdbx_CASP_flag               N 
# 
_struct_keywords.entry_id        8EPF 
_struct_keywords.text            'DNA, Four-Fold Rotational Axis, Left-Handed, Parallel' 
_struct_keywords.pdbx_keywords   DNA 
# 
loop_
_struct_asym.id 
_struct_asym.pdbx_blank_PDB_chainid_flag 
_struct_asym.pdbx_modified 
_struct_asym.entity_id 
_struct_asym.details 
A N N 1 ? 
B N N 2 ? 
# 
loop_
_struct_ref.id 
_struct_ref.db_name 
_struct_ref.db_code 
_struct_ref.pdbx_db_accession 
_struct_ref.pdbx_db_isoform 
_struct_ref.entity_id 
_struct_ref.pdbx_seq_one_letter_code 
_struct_ref.pdbx_align_begin 
1 PDB 8EPF 8EPF ? 1 ? 1 
2 PDB 8EPF 8EPF ? 2 ? 1 
# 
loop_
_struct_ref_seq.align_id 
_struct_ref_seq.ref_id 
_struct_ref_seq.pdbx_PDB_id_code 
_struct_ref_seq.pdbx_strand_id 
_struct_ref_seq.seq_align_beg 
_struct_ref_seq.pdbx_seq_align_beg_ins_code 
_struct_ref_seq.seq_align_end 
_struct_ref_seq.pdbx_seq_align_end_ins_code 
_struct_ref_seq.pdbx_db_accession 
_struct_ref_seq.db_align_beg 
_struct_ref_seq.pdbx_db_align_beg_ins_code 
_struct_ref_seq.db_align_end 
_struct_ref_seq.pdbx_db_align_end_ins_code 
_struct_ref_seq.pdbx_auth_seq_align_beg 
_struct_ref_seq.pdbx_auth_seq_align_end 
1 1 8EPF A 1 ? 16 ? 8EPF 1 ? 16 ? 1 16 
2 2 8EPF B 1 ? 16 ? 8EPF 1 ? 16 ? 1 16 
# 
_pdbx_struct_assembly.id                   1 
_pdbx_struct_assembly.details              author_and_software_defined_assembly 
_pdbx_struct_assembly.method_details       PISA 
_pdbx_struct_assembly.oligomeric_details   dimeric 
_pdbx_struct_assembly.oligomeric_count     2 
# 
loop_
_pdbx_struct_assembly_prop.biol_id 
_pdbx_struct_assembly_prop.type 
_pdbx_struct_assembly_prop.value 
_pdbx_struct_assembly_prop.details 
1 'ABSA (A^2)' 1160 ? 
1 MORE         -10  ? 
1 'SSA (A^2)'  6320 ? 
# 
_pdbx_struct_assembly_gen.assembly_id       1 
_pdbx_struct_assembly_gen.oper_expression   1 
_pdbx_struct_assembly_gen.asym_id_list      A,B 
# 
_pdbx_struct_assembly_auth_evidence.id                     1 
_pdbx_struct_assembly_auth_evidence.assembly_id            1 
_pdbx_struct_assembly_auth_evidence.experimental_support   'native gel electrophoresis' 
_pdbx_struct_assembly_auth_evidence.details                ? 
# 
_pdbx_struct_oper_list.id                   1 
_pdbx_struct_oper_list.type                 'identity operation' 
_pdbx_struct_oper_list.name                 1_555 
_pdbx_struct_oper_list.symmetry_operation   x,y,z 
_pdbx_struct_oper_list.matrix[1][1]         1.0000000000 
_pdbx_struct_oper_list.matrix[1][2]         0.0000000000 
_pdbx_struct_oper_list.matrix[1][3]         0.0000000000 
_pdbx_struct_oper_list.vector[1]            0.0000000000 
_pdbx_struct_oper_list.matrix[2][1]         0.0000000000 
_pdbx_struct_oper_list.matrix[2][2]         1.0000000000 
_pdbx_struct_oper_list.matrix[2][3]         0.0000000000 
_pdbx_struct_oper_list.vector[2]            0.0000000000 
_pdbx_struct_oper_list.matrix[3][1]         0.0000000000 
_pdbx_struct_oper_list.matrix[3][2]         0.0000000000 
_pdbx_struct_oper_list.matrix[3][3]         1.0000000000 
_pdbx_struct_oper_list.vector[3]            0.0000000000 
# 
loop_
_struct_conn.id 
_struct_conn.conn_type_id 
_struct_conn.pdbx_leaving_atom_flag 
_struct_conn.pdbx_PDB_id 
_struct_conn.ptnr1_label_asym_id 
_struct_conn.ptnr1_label_comp_id 
_struct_conn.ptnr1_label_seq_id 
_struct_conn.ptnr1_label_atom_id 
_struct_conn.pdbx_ptnr1_label_alt_id 
_struct_conn.pdbx_ptnr1_PDB_ins_code 
_struct_conn.pdbx_ptnr1_standard_comp_id 
_struct_conn.ptnr1_symmetry 
_struct_conn.ptnr2_label_asym_id 
_struct_conn.ptnr2_label_comp_id 
_struct_conn.ptnr2_label_seq_id 
_struct_conn.ptnr2_label_atom_id 
_struct_conn.pdbx_ptnr2_label_alt_id 
_struct_conn.pdbx_ptnr2_PDB_ins_code 
_struct_conn.ptnr1_auth_asym_id 
_struct_conn.ptnr1_auth_comp_id 
_struct_conn.ptnr1_auth_seq_id 
_struct_conn.ptnr2_auth_asym_id 
_struct_conn.ptnr2_auth_comp_id 
_struct_conn.ptnr2_auth_seq_id 
_struct_conn.ptnr2_symmetry 
_struct_conn.pdbx_ptnr3_label_atom_id 
_struct_conn.pdbx_ptnr3_label_seq_id 
_struct_conn.pdbx_ptnr3_label_comp_id 
_struct_conn.pdbx_ptnr3_label_asym_id 
_struct_conn.pdbx_ptnr3_label_alt_id 
_struct_conn.pdbx_ptnr3_PDB_ins_code 
_struct_conn.details 
_struct_conn.pdbx_dist_value 
_struct_conn.pdbx_value_order 
_struct_conn.pdbx_role 
hydrog1  hydrog ? ? A DA 3  N1 ? ? ? 1_555 B DT 8  N3 ? ? A DA 3  B DT 8  1_555 ? ? ? ? ? ? 'DA-DT PAIR' ? ? ? 
hydrog2  hydrog ? ? A DC 4  N3 ? ? ? 1_555 B DG 7  N1 ? ? A DC 4  B DG 7  1_555 ? ? ? ? ? ? WATSON-CRICK ? ? ? 
hydrog3  hydrog ? ? A DC 4  N4 ? ? ? 1_555 B DG 7  O6 ? ? A DC 4  B DG 7  1_555 ? ? ? ? ? ? WATSON-CRICK ? ? ? 
hydrog4  hydrog ? ? A DC 4  O2 ? ? ? 1_555 B DG 7  N2 ? ? A DC 4  B DG 7  1_555 ? ? ? ? ? ? WATSON-CRICK ? ? ? 
hydrog5  hydrog ? ? A DC 5  N3 ? ? ? 1_555 B DG 6  N1 ? ? A DC 5  B DG 6  1_555 ? ? ? ? ? ? WATSON-CRICK ? ? ? 
hydrog6  hydrog ? ? A DC 5  N4 ? ? ? 1_555 B DG 6  O6 ? ? A DC 5  B DG 6  1_555 ? ? ? ? ? ? WATSON-CRICK ? ? ? 
hydrog7  hydrog ? ? A DC 5  O2 ? ? ? 1_555 B DG 6  N2 ? ? A DC 5  B DG 6  1_555 ? ? ? ? ? ? WATSON-CRICK ? ? ? 
hydrog8  hydrog ? ? A DA 6  N1 ? ? ? 1_555 B DT 5  N3 ? ? A DA 6  B DT 5  1_555 ? ? ? ? ? ? WATSON-CRICK ? ? ? 
hydrog9  hydrog ? ? A DA 6  N6 ? ? ? 1_555 B DT 5  O4 ? ? A DA 6  B DT 5  1_555 ? ? ? ? ? ? WATSON-CRICK ? ? ? 
hydrog10 hydrog ? ? A DG 7  N1 ? ? ? 1_555 B DC 4  N3 ? ? A DG 7  B DC 4  1_555 ? ? ? ? ? ? WATSON-CRICK ? ? ? 
hydrog11 hydrog ? ? A DG 7  N2 ? ? ? 1_555 B DC 4  O2 ? ? A DG 7  B DC 4  1_555 ? ? ? ? ? ? WATSON-CRICK ? ? ? 
hydrog12 hydrog ? ? A DG 7  O6 ? ? ? 1_555 B DC 4  N4 ? ? A DG 7  B DC 4  1_555 ? ? ? ? ? ? WATSON-CRICK ? ? ? 
hydrog13 hydrog ? ? A DC 8  N3 ? ? ? 1_555 B DG 3  N1 ? ? A DC 8  B DG 3  1_555 ? ? ? ? ? ? WATSON-CRICK ? ? ? 
hydrog14 hydrog ? ? A DC 8  N4 ? ? ? 1_555 B DG 3  O6 ? ? A DC 8  B DG 3  1_555 ? ? ? ? ? ? WATSON-CRICK ? ? ? 
hydrog15 hydrog ? ? A DC 8  O2 ? ? ? 1_555 B DG 3  N2 ? ? A DC 8  B DG 3  1_555 ? ? ? ? ? ? WATSON-CRICK ? ? ? 
hydrog16 hydrog ? ? A DC 9  N3 ? ? ? 1_555 B DG 14 N1 ? ? A DC 9  B DG 14 1_555 ? ? ? ? ? ? WATSON-CRICK ? ? ? 
hydrog17 hydrog ? ? A DC 9  N4 ? ? ? 1_555 B DG 14 O6 ? ? A DC 9  B DG 14 1_555 ? ? ? ? ? ? WATSON-CRICK ? ? ? 
hydrog18 hydrog ? ? A DC 9  O2 ? ? ? 1_555 B DG 14 N2 ? ? A DC 9  B DG 14 1_555 ? ? ? ? ? ? WATSON-CRICK ? ? ? 
hydrog19 hydrog ? ? A DG 10 N1 ? ? ? 1_555 B DC 13 N3 ? ? A DG 10 B DC 13 1_555 ? ? ? ? ? ? WATSON-CRICK ? ? ? 
hydrog20 hydrog ? ? A DG 10 N2 ? ? ? 1_555 B DC 13 O2 ? ? A DG 10 B DC 13 1_555 ? ? ? ? ? ? WATSON-CRICK ? ? ? 
hydrog21 hydrog ? ? A DG 10 O6 ? ? ? 1_555 B DC 13 N4 ? ? A DG 10 B DC 13 1_555 ? ? ? ? ? ? WATSON-CRICK ? ? ? 
hydrog22 hydrog ? ? A DA 11 N1 ? ? ? 1_555 B DT 12 N3 ? ? A DA 11 B DT 12 1_555 ? ? ? ? ? ? WATSON-CRICK ? ? ? 
hydrog23 hydrog ? ? A DA 11 N6 ? ? ? 1_555 B DT 12 O4 ? ? A DA 11 B DT 12 1_555 ? ? ? ? ? ? WATSON-CRICK ? ? ? 
hydrog24 hydrog ? ? A DA 12 N1 ? ? ? 1_555 B DT 11 N3 ? ? A DA 12 B DT 11 1_555 ? ? ? ? ? ? WATSON-CRICK ? ? ? 
hydrog25 hydrog ? ? A DA 12 N6 ? ? ? 1_555 B DT 11 O4 ? ? A DA 12 B DT 11 1_555 ? ? ? ? ? ? WATSON-CRICK ? ? ? 
hydrog26 hydrog ? ? A DC 13 N3 ? ? ? 1_555 B DG 10 N1 ? ? A DC 13 B DG 10 1_555 ? ? ? ? ? ? WATSON-CRICK ? ? ? 
hydrog27 hydrog ? ? A DC 13 N4 ? ? ? 1_555 B DG 10 O6 ? ? A DC 13 B DG 10 1_555 ? ? ? ? ? ? WATSON-CRICK ? ? ? 
hydrog28 hydrog ? ? A DC 13 O2 ? ? ? 1_555 B DG 10 N2 ? ? A DC 13 B DG 10 1_555 ? ? ? ? ? ? WATSON-CRICK ? ? ? 
hydrog29 hydrog ? ? A DC 14 N3 ? ? ? 1_555 B DG 9  N1 ? ? A DC 14 B DG 9  1_555 ? ? ? ? ? ? WATSON-CRICK ? ? ? 
hydrog30 hydrog ? ? A DC 14 N4 ? ? ? 1_555 B DG 9  O6 ? ? A DC 14 B DG 9  1_555 ? ? ? ? ? ? WATSON-CRICK ? ? ? 
hydrog31 hydrog ? ? A DC 14 O2 ? ? ? 1_555 B DG 9  N2 ? ? A DC 14 B DG 9  1_555 ? ? ? ? ? ? WATSON-CRICK ? ? ? 
# 
_struct_conn_type.id          hydrog 
_struct_conn_type.criteria    ? 
_struct_conn_type.reference   ? 
# 
loop_
_pdbx_validate_rmsd_angle.id 
_pdbx_validate_rmsd_angle.PDB_model_num 
_pdbx_validate_rmsd_angle.auth_atom_id_1 
_pdbx_validate_rmsd_angle.auth_asym_id_1 
_pdbx_validate_rmsd_angle.auth_comp_id_1 
_pdbx_validate_rmsd_angle.auth_seq_id_1 
_pdbx_validate_rmsd_angle.PDB_ins_code_1 
_pdbx_validate_rmsd_angle.label_alt_id_1 
_pdbx_validate_rmsd_angle.auth_atom_id_2 
_pdbx_validate_rmsd_angle.auth_asym_id_2 
_pdbx_validate_rmsd_angle.auth_comp_id_2 
_pdbx_validate_rmsd_angle.auth_seq_id_2 
_pdbx_validate_rmsd_angle.PDB_ins_code_2 
_pdbx_validate_rmsd_angle.label_alt_id_2 
_pdbx_validate_rmsd_angle.auth_atom_id_3 
_pdbx_validate_rmsd_angle.auth_asym_id_3 
_pdbx_validate_rmsd_angle.auth_comp_id_3 
_pdbx_validate_rmsd_angle.auth_seq_id_3 
_pdbx_validate_rmsd_angle.PDB_ins_code_3 
_pdbx_validate_rmsd_angle.label_alt_id_3 
_pdbx_validate_rmsd_angle.angle_value 
_pdbx_validate_rmsd_angle.angle_target_value 
_pdbx_validate_rmsd_angle.angle_deviation 
_pdbx_validate_rmsd_angle.angle_standard_deviation 
_pdbx_validate_rmsd_angle.linker_flag 
1 1 "O4'" A DC 8  ? ? "C1'" A DC 8  ? ? N1 A DC 8  ? ? 110.99 108.30 2.69 0.30 N 
2 1 "O4'" B DA 1  ? ? "C1'" B DA 1  ? ? N9 B DA 1  ? ? 111.20 108.30 2.90 0.30 N 
3 1 "O4'" B DG 10 ? ? "C1'" B DG 10 ? ? N9 B DG 10 ? ? 111.33 108.30 3.03 0.30 N 
# 
loop_
_space_group_symop.id 
_space_group_symop.operation_xyz 
1 x,y,z       
2 -y,x,z+3/4  
3 y,-x,z+1/4  
4 -x,-y,z+1/2 
# 
loop_
_chem_comp_atom.comp_id 
_chem_comp_atom.atom_id 
_chem_comp_atom.type_symbol 
_chem_comp_atom.pdbx_aromatic_flag 
_chem_comp_atom.pdbx_stereo_config 
_chem_comp_atom.pdbx_ordinal 
DA OP3    O N N 1   
DA P      P N N 2   
DA OP1    O N N 3   
DA OP2    O N N 4   
DA "O5'"  O N N 5   
DA "C5'"  C N N 6   
DA "C4'"  C N R 7   
DA "O4'"  O N N 8   
DA "C3'"  C N S 9   
DA "O3'"  O N N 10  
DA "C2'"  C N N 11  
DA "C1'"  C N R 12  
DA N9     N Y N 13  
DA C8     C Y N 14  
DA N7     N Y N 15  
DA C5     C Y N 16  
DA C6     C Y N 17  
DA N6     N N N 18  
DA N1     N Y N 19  
DA C2     C Y N 20  
DA N3     N Y N 21  
DA C4     C Y N 22  
DA HOP3   H N N 23  
DA HOP2   H N N 24  
DA "H5'"  H N N 25  
DA "H5''" H N N 26  
DA "H4'"  H N N 27  
DA "H3'"  H N N 28  
DA "HO3'" H N N 29  
DA "H2'"  H N N 30  
DA "H2''" H N N 31  
DA "H1'"  H N N 32  
DA H8     H N N 33  
DA H61    H N N 34  
DA H62    H N N 35  
DA H2     H N N 36  
DC OP3    O N N 37  
DC P      P N N 38  
DC OP1    O N N 39  
DC OP2    O N N 40  
DC "O5'"  O N N 41  
DC "C5'"  C N N 42  
DC "C4'"  C N R 43  
DC "O4'"  O N N 44  
DC "C3'"  C N S 45  
DC "O3'"  O N N 46  
DC "C2'"  C N N 47  
DC "C1'"  C N R 48  
DC N1     N N N 49  
DC C2     C N N 50  
DC O2     O N N 51  
DC N3     N N N 52  
DC C4     C N N 53  
DC N4     N N N 54  
DC C5     C N N 55  
DC C6     C N N 56  
DC HOP3   H N N 57  
DC HOP2   H N N 58  
DC "H5'"  H N N 59  
DC "H5''" H N N 60  
DC "H4'"  H N N 61  
DC "H3'"  H N N 62  
DC "HO3'" H N N 63  
DC "H2'"  H N N 64  
DC "H2''" H N N 65  
DC "H1'"  H N N 66  
DC H41    H N N 67  
DC H42    H N N 68  
DC H5     H N N 69  
DC H6     H N N 70  
DG OP3    O N N 71  
DG P      P N N 72  
DG OP1    O N N 73  
DG OP2    O N N 74  
DG "O5'"  O N N 75  
DG "C5'"  C N N 76  
DG "C4'"  C N R 77  
DG "O4'"  O N N 78  
DG "C3'"  C N S 79  
DG "O3'"  O N N 80  
DG "C2'"  C N N 81  
DG "C1'"  C N R 82  
DG N9     N Y N 83  
DG C8     C Y N 84  
DG N7     N Y N 85  
DG C5     C Y N 86  
DG C6     C N N 87  
DG O6     O N N 88  
DG N1     N N N 89  
DG C2     C N N 90  
DG N2     N N N 91  
DG N3     N N N 92  
DG C4     C Y N 93  
DG HOP3   H N N 94  
DG HOP2   H N N 95  
DG "H5'"  H N N 96  
DG "H5''" H N N 97  
DG "H4'"  H N N 98  
DG "H3'"  H N N 99  
DG "HO3'" H N N 100 
DG "H2'"  H N N 101 
DG "H2''" H N N 102 
DG "H1'"  H N N 103 
DG H8     H N N 104 
DG H1     H N N 105 
DG H21    H N N 106 
DG H22    H N N 107 
DT OP3    O N N 108 
DT P      P N N 109 
DT OP1    O N N 110 
DT OP2    O N N 111 
DT "O5'"  O N N 112 
DT "C5'"  C N N 113 
DT "C4'"  C N R 114 
DT "O4'"  O N N 115 
DT "C3'"  C N S 116 
DT "O3'"  O N N 117 
DT "C2'"  C N N 118 
DT "C1'"  C N R 119 
DT N1     N N N 120 
DT C2     C N N 121 
DT O2     O N N 122 
DT N3     N N N 123 
DT C4     C N N 124 
DT O4     O N N 125 
DT C5     C N N 126 
DT C7     C N N 127 
DT C6     C N N 128 
DT HOP3   H N N 129 
DT HOP2   H N N 130 
DT "H5'"  H N N 131 
DT "H5''" H N N 132 
DT "H4'"  H N N 133 
DT "H3'"  H N N 134 
DT "HO3'" H N N 135 
DT "H2'"  H N N 136 
DT "H2''" H N N 137 
DT "H1'"  H N N 138 
DT H3     H N N 139 
DT H71    H N N 140 
DT H72    H N N 141 
DT H73    H N N 142 
DT H6     H N N 143 
# 
loop_
_chem_comp_bond.comp_id 
_chem_comp_bond.atom_id_1 
_chem_comp_bond.atom_id_2 
_chem_comp_bond.value_order 
_chem_comp_bond.pdbx_aromatic_flag 
_chem_comp_bond.pdbx_stereo_config 
_chem_comp_bond.pdbx_ordinal 
DA OP3   P      sing N N 1   
DA OP3   HOP3   sing N N 2   
DA P     OP1    doub N N 3   
DA P     OP2    sing N N 4   
DA P     "O5'"  sing N N 5   
DA OP2   HOP2   sing N N 6   
DA "O5'" "C5'"  sing N N 7   
DA "C5'" "C4'"  sing N N 8   
DA "C5'" "H5'"  sing N N 9   
DA "C5'" "H5''" sing N N 10  
DA "C4'" "O4'"  sing N N 11  
DA "C4'" "C3'"  sing N N 12  
DA "C4'" "H4'"  sing N N 13  
DA "O4'" "C1'"  sing N N 14  
DA "C3'" "O3'"  sing N N 15  
DA "C3'" "C2'"  sing N N 16  
DA "C3'" "H3'"  sing N N 17  
DA "O3'" "HO3'" sing N N 18  
DA "C2'" "C1'"  sing N N 19  
DA "C2'" "H2'"  sing N N 20  
DA "C2'" "H2''" sing N N 21  
DA "C1'" N9     sing N N 22  
DA "C1'" "H1'"  sing N N 23  
DA N9    C8     sing Y N 24  
DA N9    C4     sing Y N 25  
DA C8    N7     doub Y N 26  
DA C8    H8     sing N N 27  
DA N7    C5     sing Y N 28  
DA C5    C6     sing Y N 29  
DA C5    C4     doub Y N 30  
DA C6    N6     sing N N 31  
DA C6    N1     doub Y N 32  
DA N6    H61    sing N N 33  
DA N6    H62    sing N N 34  
DA N1    C2     sing Y N 35  
DA C2    N3     doub Y N 36  
DA C2    H2     sing N N 37  
DA N3    C4     sing Y N 38  
DC OP3   P      sing N N 39  
DC OP3   HOP3   sing N N 40  
DC P     OP1    doub N N 41  
DC P     OP2    sing N N 42  
DC P     "O5'"  sing N N 43  
DC OP2   HOP2   sing N N 44  
DC "O5'" "C5'"  sing N N 45  
DC "C5'" "C4'"  sing N N 46  
DC "C5'" "H5'"  sing N N 47  
DC "C5'" "H5''" sing N N 48  
DC "C4'" "O4'"  sing N N 49  
DC "C4'" "C3'"  sing N N 50  
DC "C4'" "H4'"  sing N N 51  
DC "O4'" "C1'"  sing N N 52  
DC "C3'" "O3'"  sing N N 53  
DC "C3'" "C2'"  sing N N 54  
DC "C3'" "H3'"  sing N N 55  
DC "O3'" "HO3'" sing N N 56  
DC "C2'" "C1'"  sing N N 57  
DC "C2'" "H2'"  sing N N 58  
DC "C2'" "H2''" sing N N 59  
DC "C1'" N1     sing N N 60  
DC "C1'" "H1'"  sing N N 61  
DC N1    C2     sing N N 62  
DC N1    C6     sing N N 63  
DC C2    O2     doub N N 64  
DC C2    N3     sing N N 65  
DC N3    C4     doub N N 66  
DC C4    N4     sing N N 67  
DC C4    C5     sing N N 68  
DC N4    H41    sing N N 69  
DC N4    H42    sing N N 70  
DC C5    C6     doub N N 71  
DC C5    H5     sing N N 72  
DC C6    H6     sing N N 73  
DG OP3   P      sing N N 74  
DG OP3   HOP3   sing N N 75  
DG P     OP1    doub N N 76  
DG P     OP2    sing N N 77  
DG P     "O5'"  sing N N 78  
DG OP2   HOP2   sing N N 79  
DG "O5'" "C5'"  sing N N 80  
DG "C5'" "C4'"  sing N N 81  
DG "C5'" "H5'"  sing N N 82  
DG "C5'" "H5''" sing N N 83  
DG "C4'" "O4'"  sing N N 84  
DG "C4'" "C3'"  sing N N 85  
DG "C4'" "H4'"  sing N N 86  
DG "O4'" "C1'"  sing N N 87  
DG "C3'" "O3'"  sing N N 88  
DG "C3'" "C2'"  sing N N 89  
DG "C3'" "H3'"  sing N N 90  
DG "O3'" "HO3'" sing N N 91  
DG "C2'" "C1'"  sing N N 92  
DG "C2'" "H2'"  sing N N 93  
DG "C2'" "H2''" sing N N 94  
DG "C1'" N9     sing N N 95  
DG "C1'" "H1'"  sing N N 96  
DG N9    C8     sing Y N 97  
DG N9    C4     sing Y N 98  
DG C8    N7     doub Y N 99  
DG C8    H8     sing N N 100 
DG N7    C5     sing Y N 101 
DG C5    C6     sing N N 102 
DG C5    C4     doub Y N 103 
DG C6    O6     doub N N 104 
DG C6    N1     sing N N 105 
DG N1    C2     sing N N 106 
DG N1    H1     sing N N 107 
DG C2    N2     sing N N 108 
DG C2    N3     doub N N 109 
DG N2    H21    sing N N 110 
DG N2    H22    sing N N 111 
DG N3    C4     sing N N 112 
DT OP3   P      sing N N 113 
DT OP3   HOP3   sing N N 114 
DT P     OP1    doub N N 115 
DT P     OP2    sing N N 116 
DT P     "O5'"  sing N N 117 
DT OP2   HOP2   sing N N 118 
DT "O5'" "C5'"  sing N N 119 
DT "C5'" "C4'"  sing N N 120 
DT "C5'" "H5'"  sing N N 121 
DT "C5'" "H5''" sing N N 122 
DT "C4'" "O4'"  sing N N 123 
DT "C4'" "C3'"  sing N N 124 
DT "C4'" "H4'"  sing N N 125 
DT "O4'" "C1'"  sing N N 126 
DT "C3'" "O3'"  sing N N 127 
DT "C3'" "C2'"  sing N N 128 
DT "C3'" "H3'"  sing N N 129 
DT "O3'" "HO3'" sing N N 130 
DT "C2'" "C1'"  sing N N 131 
DT "C2'" "H2'"  sing N N 132 
DT "C2'" "H2''" sing N N 133 
DT "C1'" N1     sing N N 134 
DT "C1'" "H1'"  sing N N 135 
DT N1    C2     sing N N 136 
DT N1    C6     sing N N 137 
DT C2    O2     doub N N 138 
DT C2    N3     sing N N 139 
DT N3    C4     sing N N 140 
DT N3    H3     sing N N 141 
DT C4    O4     doub N N 142 
DT C4    C5     sing N N 143 
DT C5    C7     sing N N 144 
DT C5    C6     doub N N 145 
DT C7    H71    sing N N 146 
DT C7    H72    sing N N 147 
DT C7    H73    sing N N 148 
DT C6    H6     sing N N 149 
# 
loop_
_ndb_struct_conf_na.entry_id 
_ndb_struct_conf_na.feature 
8EPF 'double helix'        
8EPF 'b-form double helix' 
# 
loop_
_ndb_struct_na_base_pair.model_number 
_ndb_struct_na_base_pair.i_label_asym_id 
_ndb_struct_na_base_pair.i_label_comp_id 
_ndb_struct_na_base_pair.i_label_seq_id 
_ndb_struct_na_base_pair.i_symmetry 
_ndb_struct_na_base_pair.j_label_asym_id 
_ndb_struct_na_base_pair.j_label_comp_id 
_ndb_struct_na_base_pair.j_label_seq_id 
_ndb_struct_na_base_pair.j_symmetry 
_ndb_struct_na_base_pair.shear 
_ndb_struct_na_base_pair.stretch 
_ndb_struct_na_base_pair.stagger 
_ndb_struct_na_base_pair.buckle 
_ndb_struct_na_base_pair.propeller 
_ndb_struct_na_base_pair.opening 
_ndb_struct_na_base_pair.pair_number 
_ndb_struct_na_base_pair.pair_name 
_ndb_struct_na_base_pair.i_auth_asym_id 
_ndb_struct_na_base_pair.i_auth_seq_id 
_ndb_struct_na_base_pair.i_PDB_ins_code 
_ndb_struct_na_base_pair.j_auth_asym_id 
_ndb_struct_na_base_pair.j_auth_seq_id 
_ndb_struct_na_base_pair.j_PDB_ins_code 
_ndb_struct_na_base_pair.hbond_type_28 
_ndb_struct_na_base_pair.hbond_type_12 
1 A DA 3  1_555 B DT 8  1_555 0.696  0.290  0.463  3.355  -6.144  17.828 1  A_DA3:DT8_B   A 3  ? B 8  ? ?  1 
1 A DC 4  1_555 B DG 7  1_555 0.105  -0.332 -0.149 4.598  -12.062 4.957  2  A_DC4:DG7_B   A 4  ? B 7  ? 19 1 
1 A DC 5  1_555 B DG 6  1_555 0.390  0.209  0.033  -1.407 1.167   0.914  3  A_DC5:DG6_B   A 5  ? B 6  ? 19 1 
1 A DA 6  1_555 B DT 5  1_555 -0.125 -0.005 0.701  3.772  2.687   2.929  4  A_DA6:DT5_B   A 6  ? B 5  ? 20 1 
1 A DG 7  1_555 B DC 4  1_555 0.485  0.388  0.545  13.754 -5.270  3.148  5  A_DG7:DC4_B   A 7  ? B 4  ? 19 1 
1 A DC 8  1_555 B DG 3  1_555 0.756  -0.546 0.341  -7.839 -4.511  -6.247 6  A_DC8:DG3_B   A 8  ? B 3  ? 19 1 
1 A DC 9  1_555 B DG 14 1_555 0.130  -0.144 -0.429 7.356  -12.053 2.375  7  A_DC9:DG14_B  A 9  ? B 14 ? 19 1 
1 A DG 10 1_555 B DC 13 1_555 -1.503 -0.547 -0.124 0.733  -5.949  2.794  8  A_DG10:DC13_B A 10 ? B 13 ? 19 1 
1 A DA 11 1_555 B DT 12 1_555 -0.544 -0.051 -0.004 2.939  -14.261 0.123  9  A_DA11:DT12_B A 11 ? B 12 ? 20 1 
1 A DA 12 1_555 B DT 11 1_555 0.138  0.128  0.015  4.152  -6.221  7.072  10 A_DA12:DT11_B A 12 ? B 11 ? 20 1 
1 A DC 13 1_555 B DG 10 1_555 0.840  -0.247 -0.620 19.703 -16.720 -2.457 11 A_DC13:DG10_B A 13 ? B 10 ? 19 1 
1 A DC 14 1_555 B DG 9  1_555 0.318  -0.591 0.351  -2.301 -10.055 -3.827 12 A_DC14:DG9_B  A 14 ? B 9  ? 19 1 
# 
loop_
_ndb_struct_na_base_pair_step.model_number 
_ndb_struct_na_base_pair_step.i_label_asym_id_1 
_ndb_struct_na_base_pair_step.i_label_comp_id_1 
_ndb_struct_na_base_pair_step.i_label_seq_id_1 
_ndb_struct_na_base_pair_step.i_symmetry_1 
_ndb_struct_na_base_pair_step.j_label_asym_id_1 
_ndb_struct_na_base_pair_step.j_label_comp_id_1 
_ndb_struct_na_base_pair_step.j_label_seq_id_1 
_ndb_struct_na_base_pair_step.j_symmetry_1 
_ndb_struct_na_base_pair_step.i_label_asym_id_2 
_ndb_struct_na_base_pair_step.i_label_comp_id_2 
_ndb_struct_na_base_pair_step.i_label_seq_id_2 
_ndb_struct_na_base_pair_step.i_symmetry_2 
_ndb_struct_na_base_pair_step.j_label_asym_id_2 
_ndb_struct_na_base_pair_step.j_label_comp_id_2 
_ndb_struct_na_base_pair_step.j_label_seq_id_2 
_ndb_struct_na_base_pair_step.j_symmetry_2 
_ndb_struct_na_base_pair_step.shift 
_ndb_struct_na_base_pair_step.slide 
_ndb_struct_na_base_pair_step.rise 
_ndb_struct_na_base_pair_step.tilt 
_ndb_struct_na_base_pair_step.roll 
_ndb_struct_na_base_pair_step.twist 
_ndb_struct_na_base_pair_step.x_displacement 
_ndb_struct_na_base_pair_step.y_displacement 
_ndb_struct_na_base_pair_step.helical_rise 
_ndb_struct_na_base_pair_step.inclination 
_ndb_struct_na_base_pair_step.tip 
_ndb_struct_na_base_pair_step.helical_twist 
_ndb_struct_na_base_pair_step.step_number 
_ndb_struct_na_base_pair_step.step_name 
_ndb_struct_na_base_pair_step.i_auth_asym_id_1 
_ndb_struct_na_base_pair_step.i_auth_seq_id_1 
_ndb_struct_na_base_pair_step.i_PDB_ins_code_1 
_ndb_struct_na_base_pair_step.j_auth_asym_id_1 
_ndb_struct_na_base_pair_step.j_auth_seq_id_1 
_ndb_struct_na_base_pair_step.j_PDB_ins_code_1 
_ndb_struct_na_base_pair_step.i_auth_asym_id_2 
_ndb_struct_na_base_pair_step.i_auth_seq_id_2 
_ndb_struct_na_base_pair_step.i_PDB_ins_code_2 
_ndb_struct_na_base_pair_step.j_auth_asym_id_2 
_ndb_struct_na_base_pair_step.j_auth_seq_id_2 
_ndb_struct_na_base_pair_step.j_PDB_ins_code_2 
1 A DA 3  1_555 B DT 8  1_555 A DC 4  1_555 B DG 7  1_555 -0.669 -0.299 3.449 4.532  -6.635 27.444 0.976  2.437  3.279 -13.619 
-9.303 28.574 1  AA_DA3DC4:DG7DT8_BB     A 3  ? B 8  ? A 4  ? B 7  ? 
1 A DC 4  1_555 B DG 7  1_555 A DC 5  1_555 B DG 6  1_555 -0.062 0.363  3.501 -0.769 5.098  38.376 -0.126 -0.008 3.520 7.712   
1.164  38.708 2  AA_DC4DC5:DG6DG7_BB     A 4  ? B 7  ? A 5  ? B 6  ? 
1 A DC 5  1_555 B DG 6  1_555 A DA 6  1_555 B DT 5  1_555 0.046  1.661  3.147 -5.566 -2.131 41.003 2.565  -0.630 3.030 -3.022  
7.895  41.416 3  AA_DC5DA6:DT5DG6_BB     A 5  ? B 6  ? A 6  ? B 5  ? 
1 A DA 6  1_555 B DT 5  1_555 A DG 7  1_555 B DC 4  1_555 -0.204 0.173  3.183 1.234  0.719  39.495 0.174  0.442  3.178 1.064   
-1.825 39.519 4  AA_DA6DG7:DC4DT5_BB     A 6  ? B 5  ? A 7  ? B 4  ? 
1 A DG 7  1_555 B DC 4  1_555 A DC 8  1_555 B DG 3  1_555 -0.009 -0.476 3.854 1.153  7.213  31.718 -2.316 0.251  3.657 12.983  
-2.075 32.527 5  AA_DG7DC8:DG3DC4_BB     A 7  ? B 4  ? A 8  ? B 3  ? 
1 A DC 9  1_555 B DG 14 1_555 A DG 10 1_555 B DC 13 1_555 0.455  0.770  3.539 -1.126 10.511 23.435 -1.618 -1.383 3.525 24.353  
2.610  25.679 6  AA_DC9DG10:DC13DG14_BB  A 9  ? B 14 ? A 10 ? B 13 ? 
1 A DG 10 1_555 B DC 13 1_555 A DA 11 1_555 B DT 12 1_555 -0.503 0.829  3.319 -4.931 1.835  37.213 1.040  0.119  3.391 2.858   
7.680  37.570 7  AA_DG10DA11:DT12DC13_BB A 10 ? B 13 ? A 11 ? B 12 ? 
1 A DA 11 1_555 B DT 12 1_555 A DA 12 1_555 B DT 11 1_555 0.068  0.007  3.269 -2.980 -1.798 41.141 0.202  -0.416 3.254 -2.553  
4.231  41.282 8  AA_DA11DA12:DT11DT12_BB A 11 ? B 12 ? A 12 ? B 11 ? 
1 A DA 12 1_555 B DT 11 1_555 A DC 13 1_555 B DG 10 1_555 -0.140 -0.493 3.012 3.433  -4.760 38.688 -0.206 0.592  3.026 -7.135  
-5.146 39.113 9  AA_DA12DC13:DG10DT11_BB A 12 ? B 11 ? A 13 ? B 10 ? 
1 A DC 13 1_555 B DG 10 1_555 A DC 14 1_555 B DG 9  1_555 -0.483 -1.288 3.820 -8.168 10.346 33.132 -3.811 -0.555 3.308 17.315  
13.669 35.589 10 AA_DC13DC14:DG9DG10_BB  A 13 ? B 10 ? A 14 ? B 9  ? 
# 
loop_
_pdbx_audit_support.funding_organization 
_pdbx_audit_support.country 
_pdbx_audit_support.grant_number 
_pdbx_audit_support.ordinal 
'National Science Foundation (NSF, United States)'                                         'United States' CMMI-2025187 1 
'National Science Foundation (NSF, United States)'                                         'United States' CCF-2107393  2 
'National Institutes of Health/National Institute of General Medical Sciences (NIH/NIGMS)' 'United States' 1R01GM127884 3 
'National Institutes of Health/National Institute of General Medical Sciences (NIH/NIGMS)' 'United States' 1R01GM127896 4 
# 
_pdbx_initial_refinement_model.accession_code   ? 
_pdbx_initial_refinement_model.id               1 
_pdbx_initial_refinement_model.entity_id_list   ? 
_pdbx_initial_refinement_model.type             'in silico model' 
_pdbx_initial_refinement_model.source_name      Other 
_pdbx_initial_refinement_model.details          'ideal B type DNA duplexes generated in Cadnano' 
# 
_space_group.name_H-M_alt     'P 43' 
_space_group.name_Hall        'P 4cw' 
_space_group.IT_number        78 
_space_group.crystal_system   tetragonal 
_space_group.id               1 
# 
_atom_sites.entry_id                    8EPF 
_atom_sites.Cartn_transf_matrix[1][1]   ? 
_atom_sites.Cartn_transf_matrix[1][2]   ? 
_atom_sites.Cartn_transf_matrix[1][3]   ? 
_atom_sites.Cartn_transf_matrix[2][1]   ? 
_atom_sites.Cartn_transf_matrix[2][2]   ? 
_atom_sites.Cartn_transf_matrix[2][3]   ? 
_atom_sites.Cartn_transf_matrix[3][1]   ? 
_atom_sites.Cartn_transf_matrix[3][2]   ? 
_atom_sites.Cartn_transf_matrix[3][3]   ? 
_atom_sites.Cartn_transf_vector[1]      ? 
_atom_sites.Cartn_transf_vector[2]      ? 
_atom_sites.Cartn_transf_vector[3]      ? 
_atom_sites.fract_transf_matrix[1][1]   0.00930701 
_atom_sites.fract_transf_matrix[1][2]   -0.02805921 
_atom_sites.fract_transf_matrix[1][3]   0.00357626 
_atom_sites.fract_transf_matrix[2][1]   -0.02418916 
_atom_sites.fract_transf_matrix[2][2]   -0.00984669 
_atom_sites.fract_transf_matrix[2][3]   -0.01430582 
_atom_sites.fract_transf_matrix[3][1]   0.00464627 
_atom_sites.fract_transf_matrix[3][2]   0.00049629 
_atom_sites.fract_transf_matrix[3][3]   -0.00819780 
_atom_sites.fract_transf_vector[1]      0.220609 
_atom_sites.fract_transf_vector[2]      -0.283047 
_atom_sites.fract_transf_vector[3]      -0.012243 
_atom_sites.solution_primary            ? 
_atom_sites.solution_secondary          ? 
_atom_sites.solution_hydrogens          ? 
_atom_sites.special_details             ? 
# 
loop_
_atom_type.symbol 
_atom_type.scat_dispersion_real 
_atom_type.scat_dispersion_imag 
_atom_type.scat_Cromer_Mann_a1 
_atom_type.scat_Cromer_Mann_a2 
_atom_type.scat_Cromer_Mann_a3 
_atom_type.scat_Cromer_Mann_a4 
_atom_type.scat_Cromer_Mann_b1 
_atom_type.scat_Cromer_Mann_b2 
_atom_type.scat_Cromer_Mann_b3 
_atom_type.scat_Cromer_Mann_b4 
_atom_type.scat_Cromer_Mann_c 
_atom_type.scat_source 
_atom_type.scat_dispersion_source 
C ? ? 3.54356 2.42580 ? ? 25.62398 1.50364  ? ? 0.0 
;2-Gaussian fit: Grosse-Kunstleve RW, Sauter NK, Adams PD: Newsletter of the IUCr Commission on Crystallographic Computing 2004, 3, 22-31.
;
? 
N ? ? 4.01032 2.96436 ? ? 19.97189 1.75589  ? ? 0.0 
;2-Gaussian fit: Grosse-Kunstleve RW, Sauter NK, Adams PD: Newsletter of the IUCr Commission on Crystallographic Computing 2004, 3, 22-31.
;
? 
O ? ? 4.49882 3.47563 ? ? 15.80542 1.70748  ? ? 0.0 
;2-Gaussian fit: Grosse-Kunstleve RW, Sauter NK, Adams PD: Newsletter of the IUCr Commission on Crystallographic Computing 2004, 3, 22-31.
;
? 
P ? ? 9.51135 5.44231 ? ? 1.42069  35.72801 ? ? 0.0 
;2-Gaussian fit: Grosse-Kunstleve RW, Sauter NK, Adams PD: Newsletter of the IUCr Commission on Crystallographic Computing 2004, 3, 22-31.
;
? 
# 
loop_
_atom_site.group_PDB 
_atom_site.id 
_atom_site.type_symbol 
_atom_site.label_atom_id 
_atom_site.label_alt_id 
_atom_site.label_comp_id 
_atom_site.label_asym_id 
_atom_site.label_entity_id 
_atom_site.label_seq_id 
_atom_site.pdbx_PDB_ins_code 
_atom_site.Cartn_x 
_atom_site.Cartn_y 
_atom_site.Cartn_z 
_atom_site.occupancy 
_atom_site.B_iso_or_equiv 
_atom_site.pdbx_formal_charge 
_atom_site.auth_seq_id 
_atom_site.auth_comp_id 
_atom_site.auth_asym_id 
_atom_site.auth_atom_id 
_atom_site.pdbx_PDB_model_num 
ATOM 1   O "O5'" . DG A 1 1  ? -4.69789  14.85952  -19.26308 1.000 52.22685 ? 1  DG A "O5'" 1 
ATOM 2   C "C5'" . DG A 1 1  ? -5.72407  14.41318  -20.14554 1.000 57.29152 ? 1  DG A "C5'" 1 
ATOM 3   C "C4'" . DG A 1 1  ? -6.51530  13.30810  -19.48483 1.000 47.53997 ? 1  DG A "C4'" 1 
ATOM 4   O "O4'" . DG A 1 1  ? -5.68519  12.09722  -19.40856 1.000 30.52995 ? 1  DG A "O4'" 1 
ATOM 5   C "C3'" . DG A 1 1  ? -6.95819  13.62736  -18.04305 1.000 35.71013 ? 1  DG A "C3'" 1 
ATOM 6   O "O3'" . DG A 1 1  ? -8.23341  13.06393  -17.80166 1.000 24.44588 ? 1  DG A "O3'" 1 
ATOM 7   C "C2'" . DG A 1 1  ? -5.88399  12.92614  -17.24851 1.000 42.29167 ? 1  DG A "C2'" 1 
ATOM 8   C "C1'" . DG A 1 1  ? -5.70115  11.66409  -18.09132 1.000 42.04970 ? 1  DG A "C1'" 1 
ATOM 9   N N9    . DG A 1 1  ? -4.47575  10.95783  -17.78671 1.000 46.01026 ? 1  DG A N9    1 
ATOM 10  C C8    . DG A 1 1  ? -3.29847  11.49902  -17.30507 1.000 47.78557 ? 1  DG A C8    1 
ATOM 11  N N7    . DG A 1 1  ? -2.38074  10.60681  -17.06133 1.000 45.53153 ? 1  DG A N7    1 
ATOM 12  C C5    . DG A 1 1  ? -2.99935  9.40347   -17.38833 1.000 45.67929 ? 1  DG A C5    1 
ATOM 13  C C6    . DG A 1 1  ? -2.49981  8.10087   -17.34297 1.000 43.28695 ? 1  DG A C6    1 
ATOM 14  O O6    . DG A 1 1  ? -1.37449  7.73307   -16.99751 1.000 50.10848 ? 1  DG A O6    1 
ATOM 15  N N1    . DG A 1 1  ? -3.44750  7.17173   -17.75966 1.000 38.08174 ? 1  DG A N1    1 
ATOM 16  C C2    . DG A 1 1  ? -4.71189  7.47793   -18.18300 1.000 38.26980 ? 1  DG A C2    1 
ATOM 17  N N2    . DG A 1 1  ? -5.47567  6.44342   -18.55648 1.000 45.19336 ? 1  DG A N2    1 
ATOM 18  N N3    . DG A 1 1  ? -5.19829  8.70322   -18.23267 1.000 37.03708 ? 1  DG A N3    1 
ATOM 19  C C4    . DG A 1 1  ? -4.29019  9.60943   -17.82494 1.000 42.75787 ? 1  DG A C4    1 
ATOM 20  P P     . DT A 1 2  ? -8.98708  13.16782  -16.37370 1.000 37.86196 ? 2  DT A P     1 
ATOM 21  O OP1   . DT A 1 2  ? -9.59429  14.52370  -16.25004 1.000 34.04709 ? 2  DT A OP1   1 
ATOM 22  O OP2   . DT A 1 2  ? -8.13485  12.72176  -15.23388 1.000 31.47139 ? 2  DT A OP2   1 
ATOM 23  O "O5'" . DT A 1 2  ? -10.11035 12.06617  -16.59606 1.000 30.76787 ? 2  DT A "O5'" 1 
ATOM 24  C "C5'" . DT A 1 2  ? -10.15700 11.43525  -17.88472 1.000 33.02932 ? 2  DT A "C5'" 1 
ATOM 25  C "C4'" . DT A 1 2  ? -10.49151 9.97192   -17.75084 1.000 40.63001 ? 2  DT A "C4'" 1 
ATOM 26  O "O4'" . DT A 1 2  ? -9.26633  9.19640   -17.71905 1.000 38.54710 ? 2  DT A "O4'" 1 
ATOM 27  C "C3'" . DT A 1 2  ? -11.23853 9.61680   -16.46072 1.000 43.68190 ? 2  DT A "C3'" 1 
ATOM 28  O "O3'" . DT A 1 2  ? -12.16497 8.58461   -16.69052 1.000 50.34992 ? 2  DT A "O3'" 1 
ATOM 29  C "C2'" . DT A 1 2  ? -10.13566 9.12369   -15.55972 1.000 42.70177 ? 2  DT A "C2'" 1 
ATOM 30  C "C1'" . DT A 1 2  ? -9.29359  8.37278   -16.57133 1.000 42.70849 ? 2  DT A "C1'" 1 
ATOM 31  N N1    . DT A 1 2  ? -7.94817  8.16952   -16.09891 1.000 37.86062 ? 2  DT A N1    1 
ATOM 32  C C2    . DT A 1 2  ? -7.42025  6.93401   -16.17131 1.000 39.06660 ? 2  DT A C2    1 
ATOM 33  O O2    . DT A 1 2  ? -8.00986  5.99687   -16.66555 1.000 41.77710 ? 2  DT A O2    1 
ATOM 34  N N3    . DT A 1 2  ? -6.16270  6.83437   -15.67039 1.000 39.66897 ? 2  DT A N3    1 
ATOM 35  C C4    . DT A 1 2  ? -5.42095  7.83972   -15.09755 1.000 38.66533 ? 2  DT A C4    1 
ATOM 36  O O4    . DT A 1 2  ? -4.30271  7.65807   -14.67843 1.000 46.73991 ? 2  DT A O4    1 
ATOM 37  C C5    . DT A 1 2  ? -6.05370  9.11599   -15.02834 1.000 35.02971 ? 2  DT A C5    1 
ATOM 38  C C7    . DT A 1 2  ? -5.34586  10.28535  -14.41396 1.000 37.77643 ? 2  DT A C7    1 
ATOM 39  C C6    . DT A 1 2  ? -7.27426  9.21807   -15.52576 1.000 38.01535 ? 2  DT A C6    1 
ATOM 40  P P     . DA A 1 3  ? -13.30234 8.31903   -15.58771 1.000 53.63452 ? 3  DA A P     1 
ATOM 41  O OP1   . DA A 1 3  ? -14.56383 8.21776   -16.34892 1.000 53.65243 ? 3  DA A OP1   1 
ATOM 42  O OP2   . DA A 1 3  ? -13.14867 9.33370   -14.50875 1.000 48.21945 ? 3  DA A OP2   1 
ATOM 43  O "O5'" . DA A 1 3  ? -12.92173 6.90138   -14.95844 1.000 46.03242 ? 3  DA A "O5'" 1 
ATOM 44  C "C5'" . DA A 1 3  ? -11.93181 6.10064   -15.56190 1.000 52.74629 ? 3  DA A "C5'" 1 
ATOM 45  C "C4'" . DA A 1 3  ? -11.99596 4.69936   -15.00400 1.000 57.51043 ? 3  DA A "C4'" 1 
ATOM 46  O "O4'" . DA A 1 3  ? -10.67846 4.29074   -14.56135 1.000 60.19828 ? 3  DA A "O4'" 1 
ATOM 47  C "C3'" . DA A 1 3  ? -12.87657 4.55208   -13.77873 1.000 63.22291 ? 3  DA A "C3'" 1 
ATOM 48  O "O3'" . DA A 1 3  ? -13.29672 3.20357   -13.66429 1.000 63.30695 ? 3  DA A "O3'" 1 
ATOM 49  C "C2'" . DA A 1 3  ? -11.92144 4.95033   -12.64684 1.000 60.22761 ? 3  DA A "C2'" 1 
ATOM 50  C "C1'" . DA A 1 3  ? -10.57634 4.41587   -13.15086 1.000 54.75757 ? 3  DA A "C1'" 1 
ATOM 51  N N9    . DA A 1 3  ? -9.46566  5.30679   -12.88231 1.000 46.87223 ? 3  DA A N9    1 
ATOM 52  C C8    . DA A 1 3  ? -9.44183  6.65476   -13.06366 1.000 50.15123 ? 3  DA A C8    1 
ATOM 53  N N7    . DA A 1 3  ? -8.29855  7.20349   -12.75537 1.000 48.78123 ? 3  DA A N7    1 
ATOM 54  C C5    . DA A 1 3  ? -7.52463  6.14047   -12.36201 1.000 41.58700 ? 3  DA A C5    1 
ATOM 55  C C6    . DA A 1 3  ? -6.21633  6.06581   -11.93198 1.000 40.14982 ? 3  DA A C6    1 
ATOM 56  N N6    . DA A 1 3  ? -5.44133  7.13242   -11.82815 1.000 49.01688 ? 3  DA A N6    1 
ATOM 57  N N1    . DA A 1 3  ? -5.72113  4.85686   -11.62157 1.000 41.09623 ? 3  DA A N1    1 
ATOM 58  C C2    . DA A 1 3  ? -6.51240  3.79099   -11.73443 1.000 43.42302 ? 3  DA A C2    1 
ATOM 59  N N3    . DA A 1 3  ? -7.77368  3.73918   -12.13967 1.000 44.89805 ? 3  DA A N3    1 
ATOM 60  C C4    . DA A 1 3  ? -8.22137  4.96234   -12.43837 1.000 43.17639 ? 3  DA A C4    1 
ATOM 61  P P     . DC A 1 4  ? -14.45623 2.78450   -12.64111 1.000 60.97874 ? 4  DC A P     1 
ATOM 62  O OP1   . DC A 1 4  ? -15.63347 2.45392   -13.46739 1.000 69.97528 ? 4  DC A OP1   1 
ATOM 63  O OP2   . DC A 1 4  ? -14.58724 3.77495   -11.55334 1.000 61.84262 ? 4  DC A OP2   1 
ATOM 64  O "O5'" . DC A 1 4  ? -13.86492 1.46623   -11.99440 1.000 56.06611 ? 4  DC A "O5'" 1 
ATOM 65  C "C5'" . DC A 1 4  ? -12.55604 1.08435   -12.32826 1.000 54.26269 ? 4  DC A "C5'" 1 
ATOM 66  C "C4'" . DC A 1 4  ? -11.82315 0.57948   -11.10734 1.000 62.59870 ? 4  DC A "C4'" 1 
ATOM 67  O "O4'" . DC A 1 4  ? -10.68140 1.44230   -10.84177 1.000 57.42691 ? 4  DC A "O4'" 1 
ATOM 68  C "C3'" . DC A 1 4  ? -12.64270 0.55284   -9.79685  1.000 65.48394 ? 4  DC A "C3'" 1 
ATOM 69  O "O3'" . DC A 1 4  ? -12.27934 -0.62163  -9.02865  1.000 64.01872 ? 4  DC A "O3'" 1 
ATOM 70  C "C2'" . DC A 1 4  ? -12.15500 1.82599   -9.10497  1.000 59.23849 ? 4  DC A "C2'" 1 
ATOM 71  C "C1'" . DC A 1 4  ? -10.68290 1.75740   -9.47185  1.000 53.96380 ? 4  DC A "C1'" 1 
ATOM 72  N N1    . DC A 1 4  ? -9.93542  3.01083   -9.25780  1.000 47.64916 ? 4  DC A N1    1 
ATOM 73  C C2    . DC A 1 4  ? -8.57679  2.94251   -8.95882  1.000 46.54572 ? 4  DC A C2    1 
ATOM 74  O O2    . DC A 1 4  ? -8.03809  1.83726   -8.88419  1.000 46.93494 ? 4  DC A O2    1 
ATOM 75  N N3    . DC A 1 4  ? -7.88660  4.08926   -8.75440  1.000 48.36960 ? 4  DC A N3    1 
ATOM 76  C C4    . DC A 1 4  ? -8.51511  5.26221   -8.83200  1.000 54.49496 ? 4  DC A C4    1 
ATOM 77  N N4    . DC A 1 4  ? -7.79370  6.37764   -8.61535  1.000 58.30951 ? 4  DC A N4    1 
ATOM 78  C C5    . DC A 1 4  ? -9.91352  5.34859   -9.13594  1.000 54.48742 ? 4  DC A C5    1 
ATOM 79  C C6    . DC A 1 4  ? -10.57678 4.20654   -9.33775  1.000 50.57656 ? 4  DC A C6    1 
ATOM 80  P P     . DC A 1 5  ? -13.35657 -1.50023  -8.21053  1.000 58.85784 ? 5  DC A P     1 
ATOM 81  O OP1   . DC A 1 5  ? -14.11493 -2.30014  -9.21026  1.000 57.29178 ? 5  DC A OP1   1 
ATOM 82  O OP2   . DC A 1 5  ? -14.10831 -0.64839  -7.26039  1.000 44.34476 ? 5  DC A OP2   1 
ATOM 83  O "O5'" . DC A 1 5  ? -12.39925 -2.43329  -7.31810  1.000 63.00017 ? 5  DC A "O5'" 1 
ATOM 84  C "C5'" . DC A 1 5  ? -10.98997 -2.52816  -7.64447  1.000 58.15452 ? 5  DC A "C5'" 1 
ATOM 85  C "C4'" . DC A 1 5  ? -10.10056 -2.51516  -6.39009  1.000 60.28891 ? 5  DC A "C4'" 1 
ATOM 86  O "O4'" . DC A 1 5  ? -9.39240  -1.23898  -6.26602  1.000 54.36132 ? 5  DC A "O4'" 1 
ATOM 87  C "C3'" . DC A 1 5  ? -10.81653 -2.66863  -5.05355  1.000 64.80242 ? 5  DC A "C3'" 1 
ATOM 88  O "O3'" . DC A 1 5  ? -9.85342  -3.12015  -4.08435  1.000 66.94173 ? 5  DC A "O3'" 1 
ATOM 89  C "C2'" . DC A 1 5  ? -11.18983 -1.21999  -4.77410  1.000 51.77115 ? 5  DC A "C2'" 1 
ATOM 90  C "C1'" . DC A 1 5  ? -9.83559  -0.58970  -5.07630  1.000 54.31472 ? 5  DC A "C1'" 1 
ATOM 91  N N1    . DC A 1 5  ? -9.87200  0.89260   -5.28849  1.000 53.88910 ? 5  DC A N1    1 
ATOM 92  C C2    . DC A 1 5  ? -8.73529  1.66891   -5.01076  1.000 45.82237 ? 5  DC A C2    1 
ATOM 93  O O2    . DC A 1 5  ? -7.70846  1.11471   -4.59896  1.000 43.15951 ? 5  DC A O2    1 
ATOM 94  N N3    . DC A 1 5  ? -8.79580  3.00855   -5.21688  1.000 43.17190 ? 5  DC A N3    1 
ATOM 95  C C4    . DC A 1 5  ? -9.92242  3.56529   -5.67953  1.000 45.95358 ? 5  DC A C4    1 
ATOM 96  N N4    . DC A 1 5  ? -9.93760  4.88414   -5.87285  1.000 46.10989 ? 5  DC A N4    1 
ATOM 97  C C5    . DC A 1 5  ? -11.08363 2.79526   -5.95607  1.000 49.42333 ? 5  DC A C5    1 
ATOM 98  C C6    . DC A 1 5  ? -11.01544 1.47696   -5.74667  1.000 55.11780 ? 5  DC A C6    1 
ATOM 99  P P     . DA A 1 6  ? -9.98329  -4.55643  -3.37871  1.000 63.92389 ? 6  DA A P     1 
ATOM 100 O OP1   . DA A 1 6  ? -9.44960  -5.55259  -4.34655  1.000 56.20102 ? 6  DA A OP1   1 
ATOM 101 O OP2   . DA A 1 6  ? -11.34358 -4.67263  -2.77501  1.000 55.86161 ? 6  DA A OP2   1 
ATOM 102 O "O5'" . DA A 1 6  ? -8.90118  -4.47600  -2.22345  1.000 53.32230 ? 6  DA A "O5'" 1 
ATOM 103 C "C5'" . DA A 1 6  ? -7.55799  -4.78429  -2.53067  1.000 55.86952 ? 6  DA A "C5'" 1 
ATOM 104 C "C4'" . DA A 1 6  ? -6.60183  -3.94581  -1.70389  1.000 57.00068 ? 6  DA A "C4'" 1 
ATOM 105 O "O4'" . DA A 1 6  ? -6.84910  -2.55652  -1.96678  1.000 48.30259 ? 6  DA A "O4'" 1 
ATOM 106 C "C3'" . DA A 1 6  ? -6.71954  -4.08506  -0.18893  1.000 51.87774 ? 6  DA A "C3'" 1 
ATOM 107 O "O3'" . DA A 1 6  ? -5.47607  -3.76813  0.37950   1.000 46.01277 ? 6  DA A "O3'" 1 
ATOM 108 C "C2'" . DA A 1 6  ? -7.74870  -3.01931  0.14512   1.000 47.61692 ? 6  DA A "C2'" 1 
ATOM 109 C "C1'" . DA A 1 6  ? -7.28033  -1.92287  -0.78909  1.000 48.18675 ? 6  DA A "C1'" 1 
ATOM 110 N N9    . DA A 1 6  ? -8.29818  -0.98639  -1.17571  1.000 45.91019 ? 6  DA A N9    1 
ATOM 111 C C8    . DA A 1 6  ? -9.55709  -1.25775  -1.61837  1.000 45.19420 ? 6  DA A C8    1 
ATOM 112 N N7    . DA A 1 6  ? -10.24559 -0.18428  -1.92075  1.000 45.37772 ? 6  DA A N7    1 
ATOM 113 C C5    . DA A 1 6  ? -9.36103  0.84613   -1.68655  1.000 42.10479 ? 6  DA A C5    1 
ATOM 114 C C6    . DA A 1 6  ? -9.47506  2.22538   -1.82028  1.000 41.35108 ? 6  DA A C6    1 
ATOM 115 N N6    . DA A 1 6  ? -10.58750 2.82858   -2.24219  1.000 43.98142 ? 6  DA A N6    1 
ATOM 116 N N1    . DA A 1 6  ? -8.39620  2.97248   -1.49407  1.000 42.30738 ? 6  DA A N1    1 
ATOM 117 C C2    . DA A 1 6  ? -7.27827  2.36245   -1.05138  1.000 39.89412 ? 6  DA A C2    1 
ATOM 118 N N3    . DA A 1 6  ? -7.05161  1.07154   -0.88752  1.000 37.06969 ? 6  DA A N3    1 
ATOM 119 C C4    . DA A 1 6  ? -8.15048  0.36217   -1.22975  1.000 43.72181 ? 6  DA A C4    1 
ATOM 120 P P     . DG A 1 7  ? -5.10284  -4.30950  1.83646   1.000 51.73207 ? 7  DG A P     1 
ATOM 121 O OP1   . DG A 1 7  ? -3.91617  -5.18154  1.69600   1.000 51.87109 ? 7  DG A OP1   1 
ATOM 122 O OP2   . DG A 1 7  ? -6.35367  -4.76738  2.49145   1.000 36.04848 ? 7  DG A OP2   1 
ATOM 123 O "O5'" . DG A 1 7  ? -4.60567  -2.99946  2.59232   1.000 58.93026 ? 7  DG A "O5'" 1 
ATOM 124 C "C5'" . DG A 1 7  ? -3.61119  -2.14435  1.99946   1.000 48.50830 ? 7  DG A "C5'" 1 
ATOM 125 C "C4'" . DG A 1 7  ? -3.47249  -0.86303  2.80973   1.000 40.48168 ? 7  DG A "C4'" 1 
ATOM 126 O "O4'" . DG A 1 7  ? -4.51263  0.06853   2.43016   1.000 37.25956 ? 7  DG A "O4'" 1 
ATOM 127 C "C3'" . DG A 1 7  ? -3.62241  -1.03970  4.31782   1.000 41.59841 ? 7  DG A "C3'" 1 
ATOM 128 O "O3'" . DG A 1 7  ? -2.85389  -0.07905  4.97039   1.000 35.19665 ? 7  DG A "O3'" 1 
ATOM 129 C "C2'" . DG A 1 7  ? -5.11138  -0.79524  4.54002   1.000 41.43890 ? 7  DG A "C2'" 1 
ATOM 130 C "C1'" . DG A 1 7  ? -5.37850  0.29563   3.52227   1.000 40.47855 ? 7  DG A "C1'" 1 
ATOM 131 N N9    . DG A 1 7  ? -6.73197  0.29963   3.01413   1.000 41.07569 ? 7  DG A N9    1 
ATOM 132 C C8    . DG A 1 7  ? -7.58920  -0.77051  2.88227   1.000 42.10754 ? 7  DG A C8    1 
ATOM 133 N N7    . DG A 1 7  ? -8.75011  -0.43483  2.38246   1.000 42.43032 ? 7  DG A N7    1 
ATOM 134 C C5    . DG A 1 7  ? -8.63610  0.94088   2.16320   1.000 41.82240 ? 7  DG A C5    1 
ATOM 135 C C6    . DG A 1 7  ? -9.56636  1.87393   1.63745   1.000 41.02853 ? 7  DG A C6    1 
ATOM 136 O O6    . DG A 1 7  ? -10.72587 1.67652   1.23500   1.000 39.57991 ? 7  DG A O6    1 
ATOM 137 N N1    . DG A 1 7  ? -9.02448  3.15903   1.60531   1.000 37.72019 ? 7  DG A N1    1 
ATOM 138 C C2    . DG A 1 7  ? -7.75519  3.48874   2.02359   1.000 32.92601 ? 7  DG A C2    1 
ATOM 139 N N2    . DG A 1 7  ? -7.40452  4.76673   1.92358   1.000 28.12902 ? 7  DG A N2    1 
ATOM 140 N N3    . DG A 1 7  ? -6.89612  2.63091   2.50524   1.000 35.51369 ? 7  DG A N3    1 
ATOM 141 C C4    . DG A 1 7  ? -7.39459  1.38508   2.54735   1.000 38.94935 ? 7  DG A C4    1 
ATOM 142 P P     . DC A 1 8  ? -2.35088  -0.32119  6.47371   1.000 44.02586 ? 8  DC A P     1 
ATOM 143 O OP1   . DC A 1 8  ? -0.86834  -0.31138  6.39462   1.000 36.35266 ? 8  DC A OP1   1 
ATOM 144 O OP2   . DC A 1 8  ? -3.09128  -1.49511  7.03086   1.000 42.10904 ? 8  DC A OP2   1 
ATOM 145 O "O5'" . DC A 1 8  ? -2.82786  1.02732   7.20388   1.000 40.53063 ? 8  DC A "O5'" 1 
ATOM 146 C "C5'" . DC A 1 8  ? -2.89898  2.23537   6.41356   1.000 43.44836 ? 8  DC A "C5'" 1 
ATOM 147 C "C4'" . DC A 1 8  ? -4.16015  3.05072   6.69935   1.000 42.48080 ? 8  DC A "C4'" 1 
ATOM 148 O "O4'" . DC A 1 8  ? -5.28685  2.65436   5.86110   1.000 38.21850 ? 8  DC A "O4'" 1 
ATOM 149 C "C3'" . DC A 1 8  ? -4.68281  2.96571   8.12939   1.000 43.31710 ? 8  DC A "C3'" 1 
ATOM 150 O "O3'" . DC A 1 8  ? -4.31768  4.13630   8.85459   1.000 41.19952 ? 8  DC A "O3'" 1 
ATOM 151 C "C2'" . DC A 1 8  ? -6.21035  2.84776   7.96344   1.000 41.81303 ? 8  DC A "C2'" 1 
ATOM 152 C "C1'" . DC A 1 8  ? -6.41598  3.18386   6.50169   1.000 34.80517 ? 8  DC A "C1'" 1 
ATOM 153 N N1    . DC A 1 8  ? -7.62204  2.60368   5.98127   1.000 32.84460 ? 8  DC A N1    1 
ATOM 154 C C2    . DC A 1 8  ? -8.67154  3.43515   5.63121   1.000 35.15619 ? 8  DC A C2    1 
ATOM 155 O O2    . DC A 1 8  ? -8.52370  4.63592   5.72028   1.000 36.29711 ? 8  DC A O2    1 
ATOM 156 N N3    . DC A 1 8  ? -9.81912  2.90433   5.18483   1.000 39.13361 ? 8  DC A N3    1 
ATOM 157 C C4    . DC A 1 8  ? -9.94468  1.59359   5.09063   1.000 43.33459 ? 8  DC A C4    1 
ATOM 158 N N4    . DC A 1 8  ? -11.10528 1.10991   4.62847   1.000 41.12541 ? 8  DC A N4    1 
ATOM 159 C C5    . DC A 1 8  ? -8.88141  0.71415   5.46637   1.000 48.11785 ? 8  DC A C5    1 
ATOM 160 C C6    . DC A 1 8  ? -7.74981  1.26451   5.91893   1.000 41.48085 ? 8  DC A C6    1 
ATOM 161 P P     . DC A 1 9  ? -3.24723  4.02212   10.04788  1.000 49.87957 ? 9  DC A P     1 
ATOM 162 O OP1   . DC A 1 9  ? -3.85348  3.33865   11.22990  1.000 31.34751 ? 9  DC A OP1   1 
ATOM 163 O OP2   . DC A 1 9  ? -2.65852  5.37329   10.19615  1.000 48.06056 ? 9  DC A OP2   1 
ATOM 164 O "O5'" . DC A 1 9  ? -2.13981  3.03643   9.42958   1.000 46.31229 ? 9  DC A "O5'" 1 
ATOM 165 C "C5'" . DC A 1 9  ? -1.27891  2.27769   10.29921  1.000 44.93893 ? 9  DC A "C5'" 1 
ATOM 166 C "C4'" . DC A 1 9  ? 0.15014   2.68148   10.07509  1.000 35.02139 ? 9  DC A "C4'" 1 
ATOM 167 O "O4'" . DC A 1 9  ? 1.03536   1.64563   10.53876  1.000 27.41092 ? 9  DC A "O4'" 1 
ATOM 168 C "C3'" . DC A 1 9  ? 0.48250   2.91682   8.62030   1.000 37.55569 ? 9  DC A "C3'" 1 
ATOM 169 O "O3'" . DC A 1 9  ? 1.24490   4.08248   8.52223   1.000 37.82529 ? 9  DC A "O3'" 1 
ATOM 170 C "C2'" . DC A 1 9  ? 1.26284   1.66547   8.22239   1.000 36.50371 ? 9  DC A "C2'" 1 
ATOM 171 C "C1'" . DC A 1 9  ? 1.92095   1.27367   9.52513   1.000 28.25360 ? 9  DC A "C1'" 1 
ATOM 172 N N1    . DC A 1 9  ? 2.11378   -0.16188  9.65865   1.000 31.48799 ? 9  DC A N1    1 
ATOM 173 C C2    . DC A 1 9  ? 3.10725   -0.64831  10.51553  1.000 35.73928 ? 9  DC A C2    1 
ATOM 174 O O2    . DC A 1 9  ? 3.82639   0.15032   11.11699  1.000 40.83174 ? 9  DC A O2    1 
ATOM 175 N N3    . DC A 1 9  ? 3.26392   -1.97765  10.65307  1.000 31.87848 ? 9  DC A N3    1 
ATOM 176 C C4    . DC A 1 9  ? 2.46400   -2.80033  10.00497  1.000 33.32126 ? 9  DC A C4    1 
ATOM 177 N N4    . DC A 1 9  ? 2.66034   -4.10006  10.17444  1.000 41.95435 ? 9  DC A N4    1 
ATOM 178 C C5    . DC A 1 9  ? 1.42983   -2.33231  9.14437   1.000 34.12897 ? 9  DC A C5    1 
ATOM 179 C C6    . DC A 1 9  ? 1.29102   -1.01347  9.00407   1.000 34.18013 ? 9  DC A C6    1 
ATOM 180 P P     . DG A 1 10 ? 1.39458   4.86405   7.12441   1.000 52.84741 ? 10 DG A P     1 
ATOM 181 O OP1   . DG A 1 10 ? 0.96197   6.25494   7.38904   1.000 53.08897 ? 10 DG A OP1   1 
ATOM 182 O OP2   . DG A 1 10 ? 0.69061   4.12875   6.02434   1.000 41.02245 ? 10 DG A OP2   1 
ATOM 183 O "O5'" . DG A 1 10 ? 2.98497   4.86892   6.97944   1.000 32.11734 ? 10 DG A "O5'" 1 
ATOM 184 C "C5'" . DG A 1 10 ? 3.71287   4.65935   8.16757   1.000 26.07135 ? 10 DG A "C5'" 1 
ATOM 185 C "C4'" . DG A 1 10 ? 5.13464   4.28068   7.88085   1.000 35.66850 ? 10 DG A "C4'" 1 
ATOM 186 O "O4'" . DG A 1 10 ? 5.33444   2.87603   8.17268   1.000 37.17871 ? 10 DG A "O4'" 1 
ATOM 187 C "C3'" . DG A 1 10 ? 5.59191   4.47998   6.43483   1.000 40.53000 ? 10 DG A "C3'" 1 
ATOM 188 O "O3'" . DG A 1 10 ? 6.99903   4.80548   6.44697   1.000 37.85453 ? 10 DG A "O3'" 1 
ATOM 189 C "C2'" . DG A 1 10 ? 5.33533   3.09570   5.84403   1.000 42.91890 ? 10 DG A "C2'" 1 
ATOM 190 C "C1'" . DG A 1 10 ? 5.80884   2.23105   7.00464   1.000 39.39982 ? 10 DG A "C1'" 1 
ATOM 191 N N9    . DG A 1 10 ? 5.31391   0.86288   6.99041   1.000 35.72823 ? 10 DG A N9    1 
ATOM 192 C C8    . DG A 1 10 ? 4.14298   0.40548   6.45266   1.000 35.01795 ? 10 DG A C8    1 
ATOM 193 N N7    . DG A 1 10 ? 3.96789   -0.87371  6.62783   1.000 38.39383 ? 10 DG A N7    1 
ATOM 194 C C5    . DG A 1 10 ? 5.10402   -1.28636  7.32140   1.000 37.91221 ? 10 DG A C5    1 
ATOM 195 C C6    . DG A 1 10 ? 5.48196   -2.57314  7.79628   1.000 37.54254 ? 10 DG A C6    1 
ATOM 196 O O6    . DG A 1 10 ? 4.87519   -3.63873  7.68686   1.000 41.82866 ? 10 DG A O6    1 
ATOM 197 N N1    . DG A 1 10 ? 6.69227   -2.54984  8.45940   1.000 32.50589 ? 10 DG A N1    1 
ATOM 198 C C2    . DG A 1 10 ? 7.44844   -1.42755  8.64503   1.000 38.69692 ? 10 DG A C2    1 
ATOM 199 N N2    . DG A 1 10 ? 8.59925   -1.59841  9.31595   1.000 46.17068 ? 10 DG A N2    1 
ATOM 200 N N3    . DG A 1 10 ? 7.11166   -0.21580  8.20429   1.000 42.33630 ? 10 DG A N3    1 
ATOM 201 C C4    . DG A 1 10 ? 5.93123   -0.22561  7.55189   1.000 38.38307 ? 10 DG A C4    1 
ATOM 202 P P     . DA A 1 11 ? 7.72121   5.55252   5.21417   1.000 36.56263 ? 11 DA A P     1 
ATOM 203 O OP1   . DA A 1 11 ? 7.09893   6.89107   4.97198   1.000 29.55814 ? 11 DA A OP1   1 
ATOM 204 O OP2   . DA A 1 11 ? 7.87250   4.56192   4.10985   1.000 38.11305 ? 11 DA A OP2   1 
ATOM 205 O "O5'" . DA A 1 11 ? 9.21180   5.74800   5.76230   1.000 48.67275 ? 11 DA A "O5'" 1 
ATOM 206 C "C5'" . DA A 1 11 ? 9.58595   5.17181   7.02923   1.000 48.14940 ? 11 DA A "C5'" 1 
ATOM 207 C "C4'" . DA A 1 11 ? 10.47287  3.94361   6.84980   1.000 47.73837 ? 11 DA A "C4'" 1 
ATOM 208 O "O4'" . DA A 1 11 ? 9.65797   2.74036   6.77060   1.000 51.01648 ? 11 DA A "O4'" 1 
ATOM 209 C "C3'" . DA A 1 11 ? 11.35178  3.93205   5.59590   1.000 46.54258 ? 11 DA A "C3'" 1 
ATOM 210 O "O3'" . DA A 1 11 ? 12.62404  3.40329   5.95112   1.000 55.60301 ? 11 DA A "O3'" 1 
ATOM 211 C "C2'" . DA A 1 11 ? 10.58923  2.98430   4.66625   1.000 44.41159 ? 11 DA A "C2'" 1 
ATOM 212 C "C1'" . DA A 1 11 ? 10.10315  1.96731   5.67649   1.000 48.09739 ? 11 DA A "C1'" 1 
ATOM 213 N N9    . DA A 1 11 ? 9.01236   1.09484   5.20691   1.000 47.04268 ? 11 DA A N9    1 
ATOM 214 C C8    . DA A 1 11 ? 7.89870   1.45609   4.48938   1.000 44.74900 ? 11 DA A C8    1 
ATOM 215 N N7    . DA A 1 11 ? 7.08984   0.44643   4.22469   1.000 44.02865 ? 11 DA A N7    1 
ATOM 216 C C5    . DA A 1 11 ? 7.72874   -0.65255  4.79138   1.000 39.14268 ? 11 DA A C5    1 
ATOM 217 C C6    . DA A 1 11 ? 7.39587   -2.01538  4.85684   1.000 37.70096 ? 11 DA A C6    1 
ATOM 218 N N6    . DA A 1 11 ? 6.29026   -2.53223  4.32240   1.000 38.26133 ? 11 DA A N6    1 
ATOM 219 N N1    . DA A 1 11 ? 8.24372   -2.83267  5.49478   1.000 39.71767 ? 11 DA A N1    1 
ATOM 220 C C2    . DA A 1 11 ? 9.35085   -2.31700  6.03426   1.000 41.61261 ? 11 DA A C2    1 
ATOM 221 N N3    . DA A 1 11 ? 9.77047   -1.05996  6.04560   1.000 38.77419 ? 11 DA A N3    1 
ATOM 222 C C4    . DA A 1 11 ? 8.91002   -0.26853  5.39840   1.000 40.40786 ? 11 DA A C4    1 
ATOM 223 P P     . DA A 1 12 ? 13.86073  3.42144   4.91979   1.000 66.58923 ? 12 DA A P     1 
ATOM 224 O OP1   . DA A 1 12 ? 14.96942  4.20046   5.54590   1.000 63.91444 ? 12 DA A OP1   1 
ATOM 225 O OP2   . DA A 1 12 ? 13.31262  3.79265   3.58134   1.000 48.76996 ? 12 DA A OP2   1 
ATOM 226 O "O5'" . DA A 1 12 ? 14.36919  1.88598   4.90567   1.000 64.58525 ? 12 DA A "O5'" 1 
ATOM 227 C "C5'" . DA A 1 12 ? 14.66804  1.17269   6.15353   1.000 51.87340 ? 12 DA A "C5'" 1 
ATOM 228 C "C4'" . DA A 1 12 ? 14.90576  -0.31757  5.89326   1.000 48.24164 ? 12 DA A "C4'" 1 
ATOM 229 O "O4'" . DA A 1 12 ? 13.64697  -0.96157  5.57228   1.000 48.42158 ? 12 DA A "O4'" 1 
ATOM 230 C "C3'" . DA A 1 12 ? 15.81669  -0.62896  4.70451   1.000 53.04613 ? 12 DA A "C3'" 1 
ATOM 231 O "O3'" . DA A 1 12 ? 16.49474  -1.87167  4.88733   1.000 56.34776 ? 12 DA A "O3'" 1 
ATOM 232 C "C2'" . DA A 1 12 ? 14.82471  -0.73410  3.56308   1.000 51.38787 ? 12 DA A "C2'" 1 
ATOM 233 C "C1'" . DA A 1 12 ? 13.70982  -1.48528  4.24895   1.000 46.28430 ? 12 DA A "C1'" 1 
ATOM 234 N N9    . DA A 1 12 ? 12.43164  -1.29423  3.58817   1.000 44.89784 ? 12 DA A N9    1 
ATOM 235 C C8    . DA A 1 12 ? 11.92146  -0.11839  3.10755   1.000 47.17447 ? 12 DA A C8    1 
ATOM 236 N N7    . DA A 1 12 ? 10.73881  -0.24329  2.54830   1.000 47.57543 ? 12 DA A N7    1 
ATOM 237 C C5    . DA A 1 12 ? 10.46106  -1.59568  2.66202   1.000 44.85991 ? 12 DA A C5    1 
ATOM 238 C C6    . DA A 1 12 ? 9.36254   -2.37025  2.25164   1.000 40.91294 ? 12 DA A C6    1 
ATOM 239 N N6    . DA A 1 12 ? 8.30200   -1.85817  1.61500   1.000 38.39636 ? 12 DA A N6    1 
ATOM 240 N N1    . DA A 1 12 ? 9.40426   -3.69143  2.50940   1.000 40.27684 ? 12 DA A N1    1 
ATOM 241 C C2    . DA A 1 12 ? 10.47775  -4.19500  3.14419   1.000 43.93668 ? 12 DA A C2    1 
ATOM 242 N N3    . DA A 1 12 ? 11.57665  -3.56952  3.56542   1.000 41.16759 ? 12 DA A N3    1 
ATOM 243 C C4    . DA A 1 12 ? 11.50166  -2.26076  3.29037   1.000 43.22225 ? 12 DA A C4    1 
ATOM 244 P P     . DC A 1 13 ? 17.71452  -2.26257  3.90563   1.000 64.10880 ? 13 DC A P     1 
ATOM 245 O OP1   . DC A 1 13 ? 18.95460  -2.15205  4.71465   1.000 62.99608 ? 13 DC A OP1   1 
ATOM 246 O OP2   . DC A 1 13 ? 17.55462  -1.52009  2.62197   1.000 49.33903 ? 13 DC A OP2   1 
ATOM 247 O "O5'" . DC A 1 13 ? 17.46254  -3.80327  3.53222   1.000 63.10178 ? 13 DC A "O5'" 1 
ATOM 248 C "C5'" . DC A 1 13 ? 16.59093  -4.62384  4.31880   1.000 58.34816 ? 13 DC A "C5'" 1 
ATOM 249 C "C4'" . DC A 1 13 ? 15.99449  -5.73543  3.46561   1.000 52.04642 ? 13 DC A "C4'" 1 
ATOM 250 O "O4'" . DC A 1 13 ? 14.69468  -5.32160  2.95729   1.000 50.41926 ? 13 DC A "O4'" 1 
ATOM 251 C "C3'" . DC A 1 13 ? 16.81558  -6.11402  2.23068   1.000 58.45077 ? 13 DC A "C3'" 1 
ATOM 252 O "O3'" . DC A 1 13 ? 16.73497  -7.51776  2.02515   1.000 69.05363 ? 13 DC A "O3'" 1 
ATOM 253 C "C2'" . DC A 1 13 ? 16.10310  -5.34567  1.12673   1.000 49.43971 ? 13 DC A "C2'" 1 
ATOM 254 C "C1'" . DC A 1 13 ? 14.67304  -5.51175  1.57086   1.000 45.34564 ? 13 DC A "C1'" 1 
ATOM 255 N N1    . DC A 1 13 ? 13.74378  -4.54709  0.95170   1.000 43.36705 ? 13 DC A N1    1 
ATOM 256 C C2    . DC A 1 13 ? 12.43245  -4.93552  0.71849   1.000 44.51926 ? 13 DC A C2    1 
ATOM 257 O O2    . DC A 1 13 ? 12.08009  -6.06135  1.07453   1.000 50.03921 ? 13 DC A O2    1 
ATOM 258 N N3    . DC A 1 13 ? 11.57760  -4.07233  0.12810   1.000 41.56936 ? 13 DC A N3    1 
ATOM 259 C C4    . DC A 1 13 ? 12.00050  -2.87668  -0.24022  1.000 43.51746 ? 13 DC A C4    1 
ATOM 260 N N4    . DC A 1 13 ? 11.11805  -2.05702  -0.82643  1.000 50.68298 ? 13 DC A N4    1 
ATOM 261 C C5    . DC A 1 13 ? 13.34835  -2.46022  -0.02326  1.000 43.28403 ? 13 DC A C5    1 
ATOM 262 C C6    . DC A 1 13 ? 14.17894  -3.32123  0.57078   1.000 43.00217 ? 13 DC A C6    1 
ATOM 263 P P     . DC A 1 14 ? 17.46686  -8.23196  0.78127   1.000 65.91596 ? 14 DC A P     1 
ATOM 264 O OP1   . DC A 1 14 ? 18.81221  -8.63495  1.24540   1.000 67.15596 ? 14 DC A OP1   1 
ATOM 265 O OP2   . DC A 1 14 ? 17.26413  -7.46534  -0.47090  1.000 65.62596 ? 14 DC A OP2   1 
ATOM 266 O "O5'" . DC A 1 14 ? 16.61409  -9.56229  0.58426   1.000 69.11083 ? 14 DC A "O5'" 1 
ATOM 267 C "C5'" . DC A 1 14 ? 15.23290  -9.57683  0.93974   1.000 63.23887 ? 14 DC A "C5'" 1 
ATOM 268 C "C4'" . DC A 1 14 ? 14.40731  -10.22207 -0.15109  1.000 56.40898 ? 14 DC A "C4'" 1 
ATOM 269 O "O4'" . DC A 1 14 ? 13.43245  -9.26919  -0.65316  1.000 57.52876 ? 14 DC A "O4'" 1 
ATOM 270 C "C3'" . DC A 1 14 ? 15.20551  -10.67674 -1.36251  1.000 57.69969 ? 14 DC A "C3'" 1 
ATOM 271 O "O3'" . DC A 1 14 ? 14.67913  -11.88437 -1.83504  1.000 51.10596 ? 14 DC A "O3'" 1 
ATOM 272 C "C2'" . DC A 1 14 ? 14.98962  -9.53261  -2.34742  1.000 53.61751 ? 14 DC A "C2'" 1 
ATOM 273 C "C1'" . DC A 1 14 ? 13.55592  -9.16056  -2.05001  1.000 47.31613 ? 14 DC A "C1'" 1 
ATOM 274 N N1    . DC A 1 14 ? 13.23579  -7.77998  -2.44437  1.000 42.75699 ? 14 DC A N1    1 
ATOM 275 C C2    . DC A 1 14 ? 12.09771  -7.50373  -3.23695  1.000 38.13430 ? 14 DC A C2    1 
ATOM 276 O O2    . DC A 1 14 ? 11.35919  -8.41919  -3.59282  1.000 36.16505 ? 14 DC A O2    1 
ATOM 277 N N3    . DC A 1 14 ? 11.84347  -6.23161  -3.59182  1.000 38.03371 ? 14 DC A N3    1 
ATOM 278 C C4    . DC A 1 14 ? 12.65610  -5.25709  -3.19562  1.000 43.45158 ? 14 DC A C4    1 
ATOM 279 N N4    . DC A 1 14 ? 12.36181  -4.00256  -3.57451  1.000 41.80338 ? 14 DC A N4    1 
ATOM 280 C C5    . DC A 1 14 ? 13.82046  -5.52026  -2.40149  1.000 52.28589 ? 14 DC A C5    1 
ATOM 281 C C6    . DC A 1 14 ? 14.06806  -6.78623  -2.05620  1.000 48.60062 ? 14 DC A C6    1 
ATOM 282 P P     . DT A 1 15 ? 15.36254  -12.66043 -3.05557  1.000 81.79596 ? 15 DT A P     1 
ATOM 283 O OP1   . DT A 1 15 ? 16.15121  -13.74928 -2.45744  1.000 57.46596 ? 15 DT A OP1   1 
ATOM 284 O OP2   . DT A 1 15 ? 16.06829  -11.74857 -3.99279  1.000 52.75596 ? 15 DT A OP2   1 
ATOM 285 O "O5'" . DT A 1 15 ? 14.07493  -13.24160 -3.77884  1.000 45.69596 ? 15 DT A "O5'" 1 
ATOM 286 C "C5'" . DT A 1 15 ? 12.86425  -12.48075 -3.75141  1.000 44.46596 ? 15 DT A "C5'" 1 
ATOM 287 C "C4'" . DT A 1 15 ? 12.07505  -12.65976 -5.04342  1.000 37.40025 ? 15 DT A "C4'" 1 
ATOM 288 O "O4'" . DT A 1 15 ? 11.53427  -11.38636 -5.49946  1.000 43.75916 ? 15 DT A "O4'" 1 
ATOM 289 C "C3'" . DT A 1 15 ? 12.86634  -13.20164 -6.21751  1.000 34.70876 ? 15 DT A "C3'" 1 
ATOM 290 O "O3'" . DT A 1 15 ? 12.03245  -14.01483 -6.96340  1.000 31.23586 ? 15 DT A "O3'" 1 
ATOM 291 C "C2'" . DT A 1 15 ? 13.25037  -11.93807 -6.98967  1.000 35.16395 ? 15 DT A "C2'" 1 
ATOM 292 C "C1'" . DT A 1 15 ? 11.99344  -11.10326 -6.81706  1.000 35.40343 ? 15 DT A "C1'" 1 
ATOM 293 N N1    . DT A 1 15 ? 12.21169  -9.61417  -6.93195  1.000 34.65273 ? 15 DT A N1    1 
ATOM 294 C C2    . DT A 1 15 ? 11.37118  -8.84630  -7.71530  1.000 34.25482 ? 15 DT A C2    1 
ATOM 295 O O2    . DT A 1 15 ? 10.44689  -9.29486  -8.36067  1.000 35.64006 ? 15 DT A O2    1 
ATOM 296 N N3    . DT A 1 15 ? 11.65565  -7.52069  -7.71583  1.000 32.67466 ? 15 DT A N3    1 
ATOM 297 C C4    . DT A 1 15 ? 12.66344  -6.88663  -7.03231  1.000 33.80202 ? 15 DT A C4    1 
ATOM 298 O O4    . DT A 1 15 ? 12.84065  -5.67786  -7.10402  1.000 33.98273 ? 15 DT A O4    1 
ATOM 299 C C5    . DT A 1 15 ? 13.49933  -7.74073  -6.23293  1.000 34.51465 ? 15 DT A C5    1 
ATOM 300 C C7    . DT A 1 15 ? 14.63859  -7.16316  -5.45049  1.000 38.45300 ? 15 DT A C7    1 
ATOM 301 C C6    . DT A 1 15 ? 13.23412  -9.04354  -6.22188  1.000 35.60429 ? 15 DT A C6    1 
ATOM 302 P P     . DG A 1 16 ? 12.61736  -14.85217 -8.20349  1.000 50.85406 ? 16 DG A P     1 
ATOM 303 O OP1   . DG A 1 16 ? 11.79122  -16.09950 -8.19780  1.000 41.39894 ? 16 DG A OP1   1 
ATOM 304 O OP2   . DG A 1 16 ? 14.11743  -14.93625 -8.07782  1.000 32.52081 ? 16 DG A OP2   1 
ATOM 305 O "O5'" . DG A 1 16 ? 12.26829  -13.91937 -9.49575  1.000 33.74863 ? 16 DG A "O5'" 1 
ATOM 306 C "C5'" . DG A 1 16 ? 10.92983  -13.42948 -9.70513  1.000 33.65366 ? 16 DG A "C5'" 1 
ATOM 307 C "C4'" . DG A 1 16 ? 10.79097  -12.81703 -11.08225 1.000 33.42079 ? 16 DG A "C4'" 1 
ATOM 308 O "O4'" . DG A 1 16 ? 11.13451  -11.41204 -11.03835 1.000 37.03596 ? 16 DG A "O4'" 1 
ATOM 309 C "C3'" . DG A 1 16 ? 11.67188  -13.43945 -12.14299 1.000 33.63252 ? 16 DG A "C3'" 1 
ATOM 310 O "O3'" . DG A 1 16 ? 10.95329  -13.55271 -13.34364 1.000 38.84414 ? 16 DG A "O3'" 1 
ATOM 311 C "C2'" . DG A 1 16 ? 12.82994  -12.46130 -12.27400 1.000 30.37961 ? 16 DG A "C2'" 1 
ATOM 312 C "C1'" . DG A 1 16 ? 12.20561  -11.13096 -11.90571 1.000 32.69607 ? 16 DG A "C1'" 1 
ATOM 313 N N9    . DG A 1 16 ? 13.14113  -10.29312 -11.18489 1.000 32.82624 ? 16 DG A N9    1 
ATOM 314 C C8    . DG A 1 16 ? 14.23392  -10.73361 -10.49544 1.000 36.87611 ? 16 DG A C8    1 
ATOM 315 N N7    . DG A 1 16 ? 14.91028  -9.78475  -9.92180  1.000 38.82496 ? 16 DG A N7    1 
ATOM 316 C C5    . DG A 1 16 ? 14.22534  -8.63195  -10.25243 1.000 36.14044 ? 16 DG A C5    1 
ATOM 317 C C6    . DG A 1 16 ? 14.50853  -7.28693  -9.91597  1.000 45.43257 ? 16 DG A C6    1 
ATOM 318 O O6    . DG A 1 16 ? 15.47171  -6.83853  -9.22756  1.000 50.28702 ? 16 DG A O6    1 
ATOM 319 N N1    . DG A 1 16 ? 13.55338  -6.41614  -10.46383 1.000 36.07295 ? 16 DG A N1    1 
ATOM 320 C C2    . DG A 1 16 ? 12.48666  -6.79999  -11.22991 1.000 29.89812 ? 16 DG A C2    1 
ATOM 321 N N2    . DG A 1 16 ? 11.69735  -5.82111  -11.64756 1.000 33.46514 ? 16 DG A N2    1 
ATOM 322 N N3    . DG A 1 16 ? 12.21158  -8.05791  -11.55549 1.000 30.04248 ? 16 DG A N3    1 
ATOM 323 C C4    . DG A 1 16 ? 13.12511  -8.92077  -11.03583 1.000 32.13553 ? 16 DG A C4    1 
ATOM 324 O "O5'" . DA B 2 1  ? -23.30690 -1.54051  3.16875   1.000 62.83412 ? 1  DA B "O5'" 1 
ATOM 325 C "C5'" . DA B 2 1  ? -22.81667 -0.86690  4.35108   1.000 64.17402 ? 1  DA B "C5'" 1 
ATOM 326 C "C4'" . DA B 2 1  ? -23.30102 0.58711   4.44074   1.000 61.63020 ? 1  DA B "C4'" 1 
ATOM 327 O "O4'" . DA B 2 1  ? -22.84064 1.17078   5.69925   1.000 47.95389 ? 1  DA B "O4'" 1 
ATOM 328 C "C3'" . DA B 2 1  ? -22.72646 1.49371   3.36566   1.000 63.68792 ? 1  DA B "C3'" 1 
ATOM 329 O "O3'" . DA B 2 1  ? -23.50981 2.66158   3.18509   1.000 72.23242 ? 1  DA B "O3'" 1 
ATOM 330 C "C2'" . DA B 2 1  ? -21.38878 1.84927   3.95576   1.000 61.12686 ? 1  DA B "C2'" 1 
ATOM 331 C "C1'" . DA B 2 1  ? -21.70595 1.96826   5.44876   1.000 48.38634 ? 1  DA B "C1'" 1 
ATOM 332 N N9    . DA B 2 1  ? -20.56787 1.51845   6.22405   1.000 45.53854 ? 1  DA B N9    1 
ATOM 333 C C8    . DA B 2 1  ? -19.93960 0.29961   6.15990   1.000 46.60047 ? 1  DA B C8    1 
ATOM 334 N N7    . DA B 2 1  ? -18.86708 0.22534   6.90456   1.000 39.77486 ? 1  DA B N7    1 
ATOM 335 C C5    . DA B 2 1  ? -18.77679 1.48652   7.44954   1.000 37.18043 ? 1  DA B C5    1 
ATOM 336 C C6    . DA B 2 1  ? -17.87015 2.05371   8.31717   1.000 39.31400 ? 1  DA B C6    1 
ATOM 337 N N6    . DA B 2 1  ? -16.83820 1.40102   8.82794   1.000 42.82402 ? 1  DA B N6    1 
ATOM 338 N N1    . DA B 2 1  ? -18.06440 3.32569   8.66038   1.000 45.85710 ? 1  DA B N1    1 
ATOM 339 C C2    . DA B 2 1  ? -19.10623 3.97541   8.15555   1.000 47.84885 ? 1  DA B C2    1 
ATOM 340 N N3    . DA B 2 1  ? -20.02828 3.54076   7.33138   1.000 42.34089 ? 1  DA B N3    1 
ATOM 341 C C4    . DA B 2 1  ? -19.80538 2.28245   7.01887   1.000 39.06700 ? 1  DA B C4    1 
ATOM 342 P P     . DC B 2 2  ? -23.14480 3.68716   1.98936   1.000 92.03180 ? 2  DC B P     1 
ATOM 343 O OP1   . DC B 2 2  ? -24.39985 3.74817   1.19923   1.000 89.50662 ? 2  DC B OP1   1 
ATOM 344 O OP2   . DC B 2 2  ? -21.92899 3.25723   1.24041   1.000 51.33822 ? 2  DC B OP2   1 
ATOM 345 O "O5'" . DC B 2 2  ? -22.90105 5.10870   2.73531   1.000 68.95015 ? 2  DC B "O5'" 1 
ATOM 346 C "C5'" . DC B 2 2  ? -22.26617 5.17745   4.00361   1.000 49.59285 ? 2  DC B "C5'" 1 
ATOM 347 C "C4'" . DC B 2 2  ? -21.21353 6.26816   4.02996   1.000 47.19174 ? 2  DC B "C4'" 1 
ATOM 348 O "O4'" . DC B 2 2  ? -20.06232 5.79453   4.77605   1.000 53.38478 ? 2  DC B "O4'" 1 
ATOM 349 C "C3'" . DC B 2 2  ? -20.67221 6.70916   2.66182   1.000 54.64956 ? 2  DC B "C3'" 1 
ATOM 350 O "O3'" . DC B 2 2  ? -20.35257 8.12615   2.68857   1.000 50.70656 ? 2  DC B "O3'" 1 
ATOM 351 C "C2'" . DC B 2 2  ? -19.41884 5.85626   2.52149   1.000 52.20479 ? 2  DC B "C2'" 1 
ATOM 352 C "C1'" . DC B 2 2  ? -18.90724 5.84338   3.95779   1.000 55.75554 ? 2  DC B "C1'" 1 
ATOM 353 N N1    . DC B 2 2  ? -18.08471 4.65353   4.26053   1.000 48.68411 ? 2  DC B N1    1 
ATOM 354 C C2    . DC B 2 2  ? -17.20810 4.65695   5.34272   1.000 44.83083 ? 2  DC B C2    1 
ATOM 355 O O2    . DC B 2 2  ? -17.10527 5.67443   6.04854   1.000 42.01151 ? 2  DC B O2    1 
ATOM 356 N N3    . DC B 2 2  ? -16.48200 3.53634   5.58036   1.000 46.96296 ? 2  DC B N3    1 
ATOM 357 C C4    . DC B 2 2  ? -16.62441 2.46902   4.78554   1.000 42.40499 ? 2  DC B C4    1 
ATOM 358 N N4    . DC B 2 2  ? -15.90105 1.38476   5.04243   1.000 51.84952 ? 2  DC B N4    1 
ATOM 359 C C5    . DC B 2 2  ? -17.50955 2.45943   3.69963   1.000 43.24944 ? 2  DC B C5    1 
ATOM 360 C C6    . DC B 2 2  ? -18.21101 3.56141   3.47256   1.000 50.11469 ? 2  DC B C6    1 
ATOM 361 P P     . DG B 2 3  ? -19.90023 8.95296   1.37084   1.000 61.32568 ? 3  DG B P     1 
ATOM 362 O OP1   . DG B 2 3  ? -20.63852 10.21427  1.53878   1.000 71.45114 ? 3  DG B OP1   1 
ATOM 363 O OP2   . DG B 2 3  ? -20.01416 8.25046   0.06743   1.000 45.60003 ? 3  DG B OP2   1 
ATOM 364 O "O5'" . DG B 2 3  ? -18.35845 9.26363   1.64442   1.000 50.13017 ? 3  DG B "O5'" 1 
ATOM 365 C "C5'" . DG B 2 3  ? -17.96683 9.62597   2.95097   1.000 44.53654 ? 3  DG B "C5'" 1 
ATOM 366 C "C4'" . DG B 2 3  ? -16.49046 9.94184   3.01242   1.000 46.57839 ? 3  DG B "C4'" 1 
ATOM 367 O "O4'" . DG B 2 3  ? -15.73717 8.79817   3.51413   1.000 51.02885 ? 3  DG B "O4'" 1 
ATOM 368 C "C3'" . DG B 2 3  ? -15.84457 10.33446  1.68666   1.000 56.58991 ? 3  DG B "C3'" 1 
ATOM 369 O "O3'" . DG B 2 3  ? -14.99490 11.47262  1.91750   1.000 62.23979 ? 3  DG B "O3'" 1 
ATOM 370 C "C2'" . DG B 2 3  ? -15.04189 9.07596   1.31095   1.000 51.88135 ? 3  DG B "C2'" 1 
ATOM 371 C "C1'" . DG B 2 3  ? -14.61334 8.57409   2.68280   1.000 51.20028 ? 3  DG B "C1'" 1 
ATOM 372 N N9    . DG B 2 3  ? -14.28340 7.14384   2.74976   1.000 46.10676 ? 3  DG B N9    1 
ATOM 373 C C8    . DG B 2 3  ? -15.04077 6.09424   2.29333   1.000 49.57229 ? 3  DG B C8    1 
ATOM 374 N N7    . DG B 2 3  ? -14.51449 4.93242   2.53654   1.000 43.47446 ? 3  DG B N7    1 
ATOM 375 C C5    . DG B 2 3  ? -13.34622 5.22747   3.20613   1.000 39.15732 ? 3  DG B C5    1 
ATOM 376 C C6    . DG B 2 3  ? -12.36073 4.36428   3.72257   1.000 46.01204 ? 3  DG B C6    1 
ATOM 377 O O6    . DG B 2 3  ? -12.32596 3.12870   3.67775   1.000 54.20947 ? 3  DG B O6    1 
ATOM 378 N N1    . DG B 2 3  ? -11.33207 5.05575   4.34402   1.000 44.94138 ? 3  DG B N1    1 
ATOM 379 C C2    . DG B 2 3  ? -11.26025 6.41284   4.44580   1.000 47.09015 ? 3  DG B C2    1 
ATOM 380 N N2    . DG B 2 3  ? -10.17804 6.90020   5.08300   1.000 44.15383 ? 3  DG B N2    1 
ATOM 381 N N3    . DG B 2 3  ? -12.18117 7.24274   3.95493   1.000 50.73193 ? 3  DG B N3    1 
ATOM 382 C C4    . DG B 2 3  ? -13.18734 6.57775   3.35042   1.000 41.43057 ? 3  DG B C4    1 
ATOM 383 P P     . DC B 2 4  ? -14.55943 12.47658  0.73778   1.000 55.91958 ? 4  DC B P     1 
ATOM 384 O OP1   . DC B 2 4  ? -14.90650 13.81207  1.27007   1.000 56.33440 ? 4  DC B OP1   1 
ATOM 385 O OP2   . DC B 2 4  ? -15.02078 12.03069  -0.60277  1.000 49.13236 ? 4  DC B OP2   1 
ATOM 386 O "O5'" . DC B 2 4  ? -12.98116 12.36118  0.77672   1.000 49.11991 ? 4  DC B "O5'" 1 
ATOM 387 C "C5'" . DC B 2 4  ? -12.35077 12.40991  2.03362   1.000 49.83351 ? 4  DC B "C5'" 1 
ATOM 388 C "C4'" . DC B 2 4  ? -10.96045 11.86319  1.92773   1.000 47.38392 ? 4  DC B "C4'" 1 
ATOM 389 O "O4'" . DC B 2 4  ? -10.99789 10.41964  2.06091   1.000 53.76224 ? 4  DC B "O4'" 1 
ATOM 390 C "C3'" . DC B 2 4  ? -10.29248 12.15812  0.59895   1.000 46.39616 ? 4  DC B "C3'" 1 
ATOM 391 O "O3'" . DC B 2 4  ? -8.99119  12.64349  0.83504   1.000 54.98285 ? 4  DC B "O3'" 1 
ATOM 392 C "C2'" . DC B 2 4  ? -10.29404 10.80654  -0.11546  1.000 50.17881 ? 4  DC B "C2'" 1 
ATOM 393 C "C1'" . DC B 2 4  ? -10.21951 9.83530   1.04774   1.000 49.76461 ? 4  DC B "C1'" 1 
ATOM 394 N N1    . DC B 2 4  ? -10.75323 8.41310   0.74652   1.000 48.30326 ? 4  DC B N1    1 
ATOM 395 C C2    . DC B 2 4  ? -9.91910  7.32212   0.92726   1.000 42.80147 ? 4  DC B C2    1 
ATOM 396 O O2    . DC B 2 4  ? -8.77228  7.51623   1.32917   1.000 48.13801 ? 4  DC B O2    1 
ATOM 397 N N3    . DC B 2 4  ? -10.38967 6.08072   0.67407   1.000 39.98421 ? 4  DC B N3    1 
ATOM 398 C C4    . DC B 2 4  ? -11.62927 5.91002   0.25684   1.000 38.72055 ? 4  DC B C4    1 
ATOM 399 N N4    . DC B 2 4  ? -12.03599 4.66903   0.02579   1.000 38.29242 ? 4  DC B N4    1 
ATOM 400 C C5    . DC B 2 4  ? -12.50612 6.99850   0.06300   1.000 44.16459 ? 4  DC B C5    1 
ATOM 401 C C6    . DC B 2 4  ? -12.03447 8.22394   0.32009   1.000 50.41958 ? 4  DC B C6    1 
ATOM 402 P P     . DT B 2 5  ? -7.94964  12.83259  -0.37797  1.000 71.24738 ? 5  DT B P     1 
ATOM 403 O OP1   . DT B 2 5  ? -6.94355  13.83520  0.04226   1.000 72.54741 ? 5  DT B OP1   1 
ATOM 404 O OP2   . DT B 2 5  ? -8.70421  13.08383  -1.63111  1.000 54.12242 ? 5  DT B OP2   1 
ATOM 405 O "O5'" . DT B 2 5  ? -7.21050  11.41430  -0.43435  1.000 56.29788 ? 5  DT B "O5'" 1 
ATOM 406 C "C5'" . DT B 2 5  ? -6.50426  10.93954  0.70859   1.000 48.94238 ? 5  DT B "C5'" 1 
ATOM 407 C "C4'" . DT B 2 5  ? -5.34288  10.05051  0.29744   1.000 57.23805 ? 5  DT B "C4'" 1 
ATOM 408 O "O4'" . DT B 2 5  ? -5.82556  8.72022   0.00118   1.000 53.71959 ? 5  DT B "O4'" 1 
ATOM 409 C "C3'" . DT B 2 5  ? -4.60519  10.47365  -0.96127  1.000 54.88244 ? 5  DT B "C3'" 1 
ATOM 410 O "O3'" . DT B 2 5  ? -3.29821  9.93341   -0.92887  1.000 46.14513 ? 5  DT B "O3'" 1 
ATOM 411 C "C2'" . DT B 2 5  ? -5.44016  9.81259   -2.05308  1.000 48.82334 ? 5  DT B "C2'" 1 
ATOM 412 C "C1'" . DT B 2 5  ? -5.72027  8.47305   -1.39524  1.000 47.13967 ? 5  DT B "C1'" 1 
ATOM 413 N N1    . DT B 2 5  ? -6.96759  7.81803   -1.82788  1.000 43.50747 ? 5  DT B N1    1 
ATOM 414 C C2    . DT B 2 5  ? -7.00469  6.44888   -1.83386  1.000 43.80600 ? 5  DT B C2    1 
ATOM 415 O O2    . DT B 2 5  ? -6.03448  5.75362   -1.52575  1.000 41.67045 ? 5  DT B O2    1 
ATOM 416 N N3    . DT B 2 5  ? -8.21129  5.91251   -2.22616  1.000 41.97877 ? 5  DT B N3    1 
ATOM 417 C C4    . DT B 2 5  ? -9.35867  6.60384   -2.57215  1.000 41.42387 ? 5  DT B C4    1 
ATOM 418 O O4    . DT B 2 5  ? -10.40155 6.04353   -2.88865  1.000 43.83122 ? 5  DT B O4    1 
ATOM 419 C C5    . DT B 2 5  ? -9.25084  8.02949   -2.52948  1.000 40.82950 ? 5  DT B C5    1 
ATOM 420 C C7    . DT B 2 5  ? -10.43677 8.86151   -2.89948  1.000 44.59671 ? 5  DT B C7    1 
ATOM 421 C C6    . DT B 2 5  ? -8.07510  8.57218   -2.15772  1.000 42.12402 ? 5  DT B C6    1 
ATOM 422 P P     . DG B 2 6  ? -2.13256  10.62747  -1.78661  1.000 68.57014 ? 6  DG B P     1 
ATOM 423 O OP1   . DG B 2 6  ? -1.25424  11.35442  -0.83744  1.000 81.60119 ? 6  DG B OP1   1 
ATOM 424 O OP2   . DG B 2 6  ? -2.79029  11.36617  -2.89494  1.000 59.92769 ? 6  DG B OP2   1 
ATOM 425 O "O5'" . DG B 2 6  ? -1.28255  9.39282   -2.35553  1.000 63.62551 ? 6  DG B "O5'" 1 
ATOM 426 C "C5'" . DG B 2 6  ? -0.22550  8.83390   -1.55726  1.000 63.00544 ? 6  DG B "C5'" 1 
ATOM 427 C "C4'" . DG B 2 6  ? -0.03701  7.35070   -1.84094  1.000 55.92560 ? 6  DG B "C4'" 1 
ATOM 428 O "O4'" . DG B 2 6  ? -1.32329  6.70904   -2.07193  1.000 55.26368 ? 6  DG B "O4'" 1 
ATOM 429 C "C3'" . DG B 2 6  ? 0.76777   7.03235   -3.07994  1.000 58.53519 ? 6  DG B "C3'" 1 
ATOM 430 O "O3'" . DG B 2 6  ? 1.30189   5.75512   -2.92576  1.000 58.82896 ? 6  DG B "O3'" 1 
ATOM 431 C "C2'" . DG B 2 6  ? -0.31203  7.04087   -4.15558  1.000 53.45515 ? 6  DG B "C2'" 1 
ATOM 432 C "C1'" . DG B 2 6  ? -1.41950  6.31227   -3.42955  1.000 45.36874 ? 6  DG B "C1'" 1 
ATOM 433 N N9    . DG B 2 6  ? -2.73598  6.65701   -3.89365  1.000 40.04214 ? 6  DG B N9    1 
ATOM 434 C C8    . DG B 2 6  ? -3.20754  7.90347   -4.20301  1.000 43.56709 ? 6  DG B C8    1 
ATOM 435 N N7    . DG B 2 6  ? -4.45857  7.90633   -4.58299  1.000 45.84182 ? 6  DG B N7    1 
ATOM 436 C C5    . DG B 2 6  ? -4.83805  6.57966   -4.50148  1.000 43.19890 ? 6  DG B C5    1 
ATOM 437 C C6    . DG B 2 6  ? -6.07636  5.96705   -4.79285  1.000 36.73140 ? 6  DG B C6    1 
ATOM 438 O O6    . DG B 2 6  ? -7.11878  6.49904   -5.17971  1.000 30.30690 ? 6  DG B O6    1 
ATOM 439 N N1    . DG B 2 6  ? -6.01919  4.58998   -4.58672  1.000 41.10306 ? 6  DG B N1    1 
ATOM 440 C C2    . DG B 2 6  ? -4.88868  3.89623   -4.15273  1.000 43.67097 ? 6  DG B C2    1 
ATOM 441 N N2    . DG B 2 6  ? -5.01120  2.56909   -4.01167  1.000 43.86231 ? 6  DG B N2    1 
ATOM 442 N N3    . DG B 2 6  ? -3.72758  4.46697   -3.87788  1.000 42.42782 ? 6  DG B N3    1 
ATOM 443 C C4    . DG B 2 6  ? -3.77490  5.80007   -4.07320  1.000 45.18163 ? 6  DG B C4    1 
ATOM 444 P P     . DG B 2 7  ? 2.30476   5.15224   -4.01627  1.000 56.62565 ? 7  DG B P     1 
ATOM 445 O OP1   . DG B 2 7  ? 3.66449   5.34924   -3.45468  1.000 60.67070 ? 7  DG B OP1   1 
ATOM 446 O OP2   . DG B 2 7  ? 1.95066   5.63066   -5.37793  1.000 51.11220 ? 7  DG B OP2   1 
ATOM 447 O "O5'" . DG B 2 7  ? 2.01720   3.59627   -3.92850  1.000 58.58543 ? 7  DG B "O5'" 1 
ATOM 448 C "C5'" . DG B 2 7  ? 0.79179   3.13696   -3.40782  1.000 57.13341 ? 7  DG B "C5'" 1 
ATOM 449 C "C4'" . DG B 2 7  ? 0.34454   1.95735   -4.21804  1.000 55.84034 ? 7  DG B "C4'" 1 
ATOM 450 O "O4'" . DG B 2 7  ? -0.98494  2.20456   -4.75113  1.000 55.64448 ? 7  DG B "O4'" 1 
ATOM 451 C "C3'" . DG B 2 7  ? 1.25951   1.67563   -5.39862  1.000 50.78984 ? 7  DG B "C3'" 1 
ATOM 452 O "O3'" . DG B 2 7  ? 1.52920   0.28030   -5.47163  1.000 48.03404 ? 7  DG B "O3'" 1 
ATOM 453 C "C2'" . DG B 2 7  ? 0.49318   2.22429   -6.61067  1.000 48.98479 ? 7  DG B "C2'" 1 
ATOM 454 C "C1'" . DG B 2 7  ? -0.96895  2.19624   -6.16195  1.000 47.76761 ? 7  DG B "C1'" 1 
ATOM 455 N N9    . DG B 2 7  ? -1.72591  3.34699   -6.60678  1.000 39.67413 ? 7  DG B N9    1 
ATOM 456 C C8    . DG B 2 7  ? -1.29212  4.64041   -6.67249  1.000 44.10961 ? 7  DG B C8    1 
ATOM 457 N N7    . DG B 2 7  ? -2.19457  5.46581   -7.10997  1.000 44.93259 ? 7  DG B N7    1 
ATOM 458 C C5    . DG B 2 7  ? -3.30128  4.66427   -7.33113  1.000 40.64547 ? 7  DG B C5    1 
ATOM 459 C C6    . DG B 2 7  ? -4.59374  5.00935   -7.78574  1.000 40.01133 ? 7  DG B C6    1 
ATOM 460 O O6    . DG B 2 7  ? -5.03122  6.12008   -8.09527  1.000 41.23841 ? 7  DG B O6    1 
ATOM 461 N N1    . DG B 2 7  ? -5.41761  3.90010   -7.86345  1.000 39.73473 ? 7  DG B N1    1 
ATOM 462 C C2    . DG B 2 7  ? -5.03734  2.62327   -7.53324  1.000 43.48971 ? 7  DG B C2    1 
ATOM 463 N N2    . DG B 2 7  ? -5.97424  1.67342   -7.67296  1.000 48.22299 ? 7  DG B N2    1 
ATOM 464 N N3    . DG B 2 7  ? -3.82996  2.29218   -7.09322  1.000 39.55238 ? 7  DG B N3    1 
ATOM 465 C C4    . DG B 2 7  ? -3.02367  3.36205   -7.01494  1.000 37.89320 ? 7  DG B C4    1 
ATOM 466 P P     . DT B 2 8  ? 2.44069   -0.33325  -6.64805  1.000 69.00284 ? 8  DT B P     1 
ATOM 467 O OP1   . DT B 2 8  ? 3.37143   -1.30949  -6.01768  1.000 63.18948 ? 8  DT B OP1   1 
ATOM 468 O OP2   . DT B 2 8  ? 3.02523   0.75618   -7.47270  1.000 56.59345 ? 8  DT B OP2   1 
ATOM 469 O "O5'" . DT B 2 8  ? 1.34832   -1.09252  -7.54752  1.000 57.40839 ? 8  DT B "O5'" 1 
ATOM 470 C "C5'" . DT B 2 8  ? 0.03615   -1.32925  -6.99763  1.000 55.30227 ? 8  DT B "C5'" 1 
ATOM 471 C "C4'" . DT B 2 8  ? -1.00032  -1.50183  -8.09876  1.000 48.08211 ? 8  DT B "C4'" 1 
ATOM 472 O "O4'" . DT B 2 8  ? -1.76969  -0.30564  -8.26592  1.000 44.07947 ? 8  DT B "O4'" 1 
ATOM 473 C "C3'" . DT B 2 8  ? -0.42590  -1.76544  -9.45326  1.000 43.65674 ? 8  DT B "C3'" 1 
ATOM 474 O "O3'" . DT B 2 8  ? -0.27598  -3.14219  -9.60801  1.000 45.06604 ? 8  DT B "O3'" 1 
ATOM 475 C "C2'" . DT B 2 8  ? -1.48626  -1.21278  -10.41783 1.000 41.19713 ? 8  DT B "C2'" 1 
ATOM 476 C "C1'" . DT B 2 8  ? -2.33014  -0.29078  -9.55863  1.000 37.27754 ? 8  DT B "C1'" 1 
ATOM 477 N N1    . DT B 2 8  ? -2.31135  1.09585   -9.98937  1.000 39.09644 ? 8  DT B N1    1 
ATOM 478 C C2    . DT B 2 8  ? -3.44554  1.67001   -10.50772 1.000 41.21251 ? 8  DT B C2    1 
ATOM 479 O O2    . DT B 2 8  ? -4.48949  1.06311   -10.69200 1.000 40.82405 ? 8  DT B O2    1 
ATOM 480 N N3    . DT B 2 8  ? -3.31161  2.99468   -10.81565 1.000 40.11783 ? 8  DT B N3    1 
ATOM 481 C C4    . DT B 2 8  ? -2.18565  3.77721   -10.64531 1.000 39.62955 ? 8  DT B C4    1 
ATOM 482 O O4    . DT B 2 8  ? -2.14970  4.95898   -10.95914 1.000 42.67399 ? 8  DT B O4    1 
ATOM 483 C C5    . DT B 2 8  ? -1.04877  3.10933   -10.09274 1.000 38.18835 ? 8  DT B C5    1 
ATOM 484 C C7    . DT B 2 8  ? 0.22682   3.85610   -9.87220  1.000 40.08827 ? 8  DT B C7    1 
ATOM 485 C C6    . DT B 2 8  ? -1.17033  1.82254   -9.78405  1.000 39.99493 ? 8  DT B C6    1 
ATOM 486 P P     . DG B 2 9  ? 0.68376   -3.67602  -10.75887 1.000 38.77774 ? 9  DG B P     1 
ATOM 487 O OP1   . DG B 2 9  ? 1.45746   -2.46739  -11.10086 1.000 33.23727 ? 9  DG B OP1   1 
ATOM 488 O OP2   . DG B 2 9  ? -0.14058  -4.39329  -11.76506 1.000 45.26191 ? 9  DG B OP2   1 
ATOM 489 O "O5'" . DG B 2 9  ? 1.62427   -4.70909  -10.01104 1.000 39.52596 ? 9  DG B "O5'" 1 
ATOM 490 C "C5'" . DG B 2 9  ? 2.61986   -4.24256  -9.15624  1.000 39.21090 ? 9  DG B "C5'" 1 
ATOM 491 C "C4'" . DG B 2 9  ? 3.46248   -5.38596  -8.68006  1.000 34.03847 ? 9  DG B "C4'" 1 
ATOM 492 O "O4'" . DG B 2 9  ? 4.81323   -4.93307  -8.55627  1.000 32.16863 ? 9  DG B "O4'" 1 
ATOM 493 C "C3'" . DG B 2 9  ? 3.08357   -5.91019  -7.30721  1.000 37.94634 ? 9  DG B "C3'" 1 
ATOM 494 O "O3'" . DG B 2 9  ? 2.19037   -7.03827  -7.41928  1.000 42.44596 ? 9  DG B "O3'" 1 
ATOM 495 C "C2'" . DG B 2 9  ? 4.42006   -6.32950  -6.70427  1.000 45.93950 ? 9  DG B "C2'" 1 
ATOM 496 C "C1'" . DG B 2 9  ? 5.47331   -5.76537  -7.65323  1.000 37.55908 ? 9  DG B "C1'" 1 
ATOM 497 N N9    . DG B 2 9  ? 6.47782   -5.00010  -6.94558  1.000 39.03568 ? 9  DG B N9    1 
ATOM 498 C C8    . DG B 2 9  ? 6.53322   -3.63603  -6.78556  1.000 41.68929 ? 9  DG B C8    1 
ATOM 499 N N7    . DG B 2 9  ? 7.54143   -3.24178  -6.06536  1.000 38.46237 ? 9  DG B N7    1 
ATOM 500 C C5    . DG B 2 9  ? 8.17326   -4.41959  -5.70717  1.000 36.23178 ? 9  DG B C5    1 
ATOM 501 C C6    . DG B 2 9  ? 9.33042   -4.62390  -4.93348  1.000 39.86257 ? 9  DG B C6    1 
ATOM 502 O O6    . DG B 2 9  ? 10.05404  -3.77435  -4.39101  1.000 39.62497 ? 9  DG B O6    1 
ATOM 503 N N1    . DG B 2 9  ? 9.63464   -5.98139  -4.81145  1.000 45.53173 ? 9  DG B N1    1 
ATOM 504 C C2    . DG B 2 9  ? 8.90913   -7.00385  -5.37496  1.000 41.08466 ? 9  DG B C2    1 
ATOM 505 N N2    . DG B 2 9  ? 9.37528   -8.24047  -5.15608  1.000 41.79433 ? 9  DG B N2    1 
ATOM 506 N N3    . DG B 2 9  ? 7.82074   -6.82221  -6.10969  1.000 35.20958 ? 9  DG B N3    1 
ATOM 507 C C4    . DG B 2 9  ? 7.51795   -5.50947  -6.23250  1.000 35.97911 ? 9  DG B C4    1 
ATOM 508 P P     . DG B 2 10 ? 1.33254   -7.57602  -6.15004  1.000 55.04285 ? 10 DG B P     1 
ATOM 509 O OP1   . DG B 2 10 ? 0.49470   -8.66171  -6.70365  1.000 47.39727 ? 10 DG B OP1   1 
ATOM 510 O OP2   . DG B 2 10 ? 0.64590   -6.45514  -5.46874  1.000 61.30571 ? 10 DG B OP2   1 
ATOM 511 O "O5'" . DG B 2 10 ? 2.42156   -8.21191  -5.14376  1.000 36.56596 ? 10 DG B "O5'" 1 
ATOM 512 C "C5'" . DG B 2 10 ? 3.23477   -9.28584  -5.62358  1.000 41.00865 ? 10 DG B "C5'" 1 
ATOM 513 C "C4'" . DG B 2 10 ? 4.35879   -9.62278  -4.67855  1.000 37.47057 ? 10 DG B "C4'" 1 
ATOM 514 O "O4'" . DG B 2 10 ? 5.32752   -8.53426  -4.62734  1.000 35.16412 ? 10 DG B "O4'" 1 
ATOM 515 C "C3'" . DG B 2 10 ? 3.91015   -9.86041  -3.24441  1.000 49.44147 ? 10 DG B "C3'" 1 
ATOM 516 O "O3'" . DG B 2 10 ? 4.49587   -11.05577 -2.73520  1.000 55.63853 ? 10 DG B "O3'" 1 
ATOM 517 C "C2'" . DG B 2 10 ? 4.45303   -8.64091  -2.52205  1.000 54.29672 ? 10 DG B "C2'" 1 
ATOM 518 C "C1'" . DG B 2 10 ? 5.72839   -8.39839  -3.29692  1.000 39.68820 ? 10 DG B "C1'" 1 
ATOM 519 N N9    . DG B 2 10 ? 6.28202   -7.07386  -3.04261  1.000 34.93490 ? 10 DG B N9    1 
ATOM 520 C C8    . DG B 2 10 ? 5.74561   -5.86626  -3.39337  1.000 40.79962 ? 10 DG B C8    1 
ATOM 521 N N7    . DG B 2 10 ? 6.44101   -4.85185  -2.97781  1.000 38.23463 ? 10 DG B N7    1 
ATOM 522 C C5    . DG B 2 10 ? 7.48366   -5.42683  -2.27864  1.000 33.55983 ? 10 DG B C5    1 
ATOM 523 C C6    . DG B 2 10 ? 8.57635   -4.81997  -1.60173  1.000 40.07289 ? 10 DG B C6    1 
ATOM 524 O O6    . DG B 2 10 ? 8.83902   -3.60189  -1.47798  1.000 37.88822 ? 10 DG B O6    1 
ATOM 525 N N1    . DG B 2 10 ? 9.42018   -5.77640  -1.03652  1.000 42.64718 ? 10 DG B N1    1 
ATOM 526 C C2    . DG B 2 10 ? 9.22086   -7.13554  -1.12017  1.000 43.03021 ? 10 DG B C2    1 
ATOM 527 N N2    . DG B 2 10 ? 10.13450  -7.91440  -0.51332  1.000 47.83995 ? 10 DG B N2    1 
ATOM 528 N N3    . DG B 2 10 ? 8.19862   -7.69842  -1.74920  1.000 39.85094 ? 10 DG B N3    1 
ATOM 529 C C4    . DG B 2 10 ? 7.38255   -6.79107  -2.29938  1.000 30.73397 ? 10 DG B C4    1 
ATOM 530 P P     . DT B 2 11 ? 3.93021   -11.71560 -1.37585  1.000 63.67797 ? 11 DT B P     1 
ATOM 531 O OP1   . DT B 2 11 ? 3.92859   -13.17085 -1.62759  1.000 74.04575 ? 11 DT B OP1   1 
ATOM 532 O OP2   . DT B 2 11 ? 2.69581   -10.99418 -0.95676  1.000 42.22574 ? 11 DT B OP2   1 
ATOM 533 O "O5'" . DT B 2 11 ? 5.08755   -11.46879 -0.30411  1.000 41.94672 ? 11 DT B "O5'" 1 
ATOM 534 C "C5'" . DT B 2 11 ? 6.44454   -11.50528 -0.73326  1.000 41.11863 ? 11 DT B "C5'" 1 
ATOM 535 C "C4'" . DT B 2 11 ? 7.39179   -11.47136 0.44977   1.000 39.86418 ? 11 DT B "C4'" 1 
ATOM 536 O "O4'" . DT B 2 11 ? 7.92458   -10.13356 0.61011   1.000 40.21828 ? 11 DT B "O4'" 1 
ATOM 537 C "C3'" . DT B 2 11 ? 6.76846   -11.81399 1.80265   1.000 46.79471 ? 11 DT B "C3'" 1 
ATOM 538 O "O3'" . DT B 2 11 ? 7.79729   -12.30696 2.67258   1.000 44.91815 ? 11 DT B "O3'" 1 
ATOM 539 C "C2'" . DT B 2 11 ? 6.27273   -10.44948 2.25893   1.000 42.60084 ? 11 DT B "C2'" 1 
ATOM 540 C "C1'" . DT B 2 11 ? 7.43575   -9.57877  1.83256   1.000 40.54530 ? 11 DT B "C1'" 1 
ATOM 541 N N1    . DT B 2 11 ? 7.06223   -8.16790  1.61451   1.000 33.49661 ? 11 DT B N1    1 
ATOM 542 C C2    . DT B 2 11 ? 7.95330   -7.18313  1.98331   1.000 34.97952 ? 11 DT B C2    1 
ATOM 543 O O2    . DT B 2 11 ? 9.04423   -7.41931  2.48831   1.000 38.94604 ? 11 DT B O2    1 
ATOM 544 N N3    . DT B 2 11 ? 7.52730   -5.90844  1.73541   1.000 32.80279 ? 11 DT B N3    1 
ATOM 545 C C4    . DT B 2 11 ? 6.32218   -5.53026  1.18034   1.000 35.10236 ? 11 DT B C4    1 
ATOM 546 O O4    . DT B 2 11 ? 6.02725   -4.35884  1.00663   1.000 36.88927 ? 11 DT B O4    1 
ATOM 547 C C5    . DT B 2 11 ? 5.43581   -6.61224  0.81489   1.000 33.54660 ? 11 DT B C5    1 
ATOM 548 C C7    . DT B 2 11 ? 4.10174   -6.31304  0.19060   1.000 32.74842 ? 11 DT B C7    1 
ATOM 549 C C6    . DT B 2 11 ? 5.84080   -7.86595  1.05588   1.000 32.85321 ? 11 DT B C6    1 
ATOM 550 P P     . DT B 2 12 ? 7.47679   -12.94431 4.11725   1.000 36.87426 ? 12 DT B P     1 
ATOM 551 O OP1   . DT B 2 12 ? 7.87277   -14.36364 3.97013   1.000 53.39771 ? 12 DT B OP1   1 
ATOM 552 O OP2   . DT B 2 12 ? 6.13195   -12.59136 4.65543   1.000 30.41473 ? 12 DT B OP2   1 
ATOM 553 O "O5'" . DT B 2 12 ? 8.57366   -12.24216 5.03725   1.000 44.96340 ? 12 DT B "O5'" 1 
ATOM 554 C "C5'" . DT B 2 12 ? 9.66499   -11.56786 4.41168   1.000 43.37916 ? 12 DT B "C5'" 1 
ATOM 555 C "C4'" . DT B 2 12 ? 10.34621  -10.63242 5.38535   1.000 40.66279 ? 12 DT B "C4'" 1 
ATOM 556 O "O4'" . DT B 2 12 ? 9.96197   -9.25027  5.11927   1.000 36.98114 ? 12 DT B "O4'" 1 
ATOM 557 C "C3'" . DT B 2 12 ? 9.99849   -10.88743 6.83946   1.000 41.76111 ? 12 DT B "C3'" 1 
ATOM 558 O "O3'" . DT B 2 12 ? 11.10993  -10.52590 7.62809   1.000 54.14702 ? 12 DT B "O3'" 1 
ATOM 559 C "C2'" . DT B 2 12 ? 8.82885   -9.93518  7.05194   1.000 40.73593 ? 12 DT B "C2'" 1 
ATOM 560 C "C1'" . DT B 2 12 ? 9.31561   -8.72346  6.26618   1.000 43.80137 ? 12 DT B "C1'" 1 
ATOM 561 N N1    . DT B 2 12 ? 8.20695   -7.81662  5.83998   1.000 40.26001 ? 12 DT B N1    1 
ATOM 562 C C2    . DT B 2 12 ? 8.42458   -6.44919  5.75197   1.000 34.18228 ? 12 DT B C2    1 
ATOM 563 O O2    . DT B 2 12 ? 9.48677   -5.92016  5.97728   1.000 32.95216 ? 12 DT B O2    1 
ATOM 564 N N3    . DT B 2 12 ? 7.34057   -5.72571  5.36250   1.000 34.69417 ? 12 DT B N3    1 
ATOM 565 C C4    . DT B 2 12 ? 6.07757   -6.21118  5.06813   1.000 38.09206 ? 12 DT B C4    1 
ATOM 566 O O4    . DT B 2 12 ? 5.15150   -5.47836  4.71302   1.000 39.79257 ? 12 DT B O4    1 
ATOM 567 C C5    . DT B 2 12 ? 5.91940   -7.63694  5.19229   1.000 33.04736 ? 12 DT B C5    1 
ATOM 568 C C7    . DT B 2 12 ? 4.60351   -8.25732  4.88901   1.000 42.56008 ? 12 DT B C7    1 
ATOM 569 C C6    . DT B 2 12 ? 6.97236   -8.36458  5.57177   1.000 34.00387 ? 12 DT B C6    1 
ATOM 570 P P     . DC B 2 13 ? 11.38580  -11.19235 9.06976   1.000 60.94169 ? 13 DC B P     1 
ATOM 571 O OP1   . DC B 2 13 ? 12.38176  -12.26022 8.83067   1.000 74.23077 ? 13 DC B OP1   1 
ATOM 572 O OP2   . DC B 2 13 ? 10.08070  -11.53764 9.72612   1.000 40.44186 ? 13 DC B OP2   1 
ATOM 573 O "O5'" . DC B 2 13 ? 12.16723  -10.00519 9.82366   1.000 44.79322 ? 13 DC B "O5'" 1 
ATOM 574 C "C5'" . DC B 2 13 ? 12.30230  -8.71376  9.14907   1.000 51.94498 ? 13 DC B "C5'" 1 
ATOM 575 C "C4'" . DC B 2 13 ? 11.85962  -7.55985  10.05218  1.000 57.05319 ? 13 DC B "C4'" 1 
ATOM 576 O "O4'" . DC B 2 13 ? 10.70276  -6.85984  9.49283   1.000 48.42064 ? 13 DC B "O4'" 1 
ATOM 577 C "C3'" . DC B 2 13 ? 11.47198  -7.96472  11.48265  1.000 59.70068 ? 13 DC B "C3'" 1 
ATOM 578 O "O3'" . DC B 2 13 ? 12.12486  -7.11595  12.38473  1.000 64.84843 ? 13 DC B "O3'" 1 
ATOM 579 C "C2'" . DC B 2 13 ? 9.95166   -7.76084  11.52936  1.000 48.62919 ? 13 DC B "C2'" 1 
ATOM 580 C "C1'" . DC B 2 13 ? 9.75333   -6.62736  10.53291  1.000 47.34370 ? 13 DC B "C1'" 1 
ATOM 581 N N1    . DC B 2 13 ? 8.39632   -6.63360  9.95197   1.000 39.06559 ? 13 DC B N1    1 
ATOM 582 C C2    . DC B 2 13 ? 7.83457   -5.45473  9.41040   1.000 37.39249 ? 13 DC B C2    1 
ATOM 583 O O2    . DC B 2 13 ? 8.47583   -4.40323  9.43756   1.000 39.47960 ? 13 DC B O2    1 
ATOM 584 N N3    . DC B 2 13 ? 6.59367   -5.50575  8.87991   1.000 36.03205 ? 13 DC B N3    1 
ATOM 585 C C4    . DC B 2 13 ? 5.91727   -6.65341  8.88964   1.000 39.44091 ? 13 DC B C4    1 
ATOM 586 N N4    . DC B 2 13 ? 4.69044   -6.66459  8.36807   1.000 36.86903 ? 13 DC B N4    1 
ATOM 587 C C5    . DC B 2 13 ? 6.47019   -7.85135  9.43568   1.000 46.80543 ? 13 DC B C5    1 
ATOM 588 C C6    . DC B 2 13 ? 7.69405   -7.79313  9.96113   1.000 40.63780 ? 13 DC B C6    1 
ATOM 589 P P     . DG B 2 14 ? 12.33593  -7.53193  13.92093  1.000 68.42740 ? 14 DG B P     1 
ATOM 590 O OP1   . DG B 2 14 ? 13.44435  -8.51889  13.95485  1.000 69.34208 ? 14 DG B OP1   1 
ATOM 591 O OP2   . DG B 2 14 ? 11.04103  -7.91651  14.53691  1.000 44.28943 ? 14 DG B OP2   1 
ATOM 592 O "O5'" . DG B 2 14 ? 12.82241  -6.13640  14.54942  1.000 65.99670 ? 14 DG B "O5'" 1 
ATOM 593 C "C5'" . DG B 2 14 ? 13.20362  -5.06350  13.66596  1.000 53.34919 ? 14 DG B "C5'" 1 
ATOM 594 C "C4'" . DG B 2 14 ? 12.46311  -3.77052  14.00044  1.000 55.12773 ? 14 DG B "C4'" 1 
ATOM 595 O "O4'" . DG B 2 14 ? 11.19070  -3.69361  13.28507  1.000 52.14506 ? 14 DG B "O4'" 1 
ATOM 596 C "C3'" . DG B 2 14 ? 12.10767  -3.56116  15.47426  1.000 60.49075 ? 14 DG B "C3'" 1 
ATOM 597 O "O3'" . DG B 2 14 ? 12.15423  -2.14875  15.74722  1.000 73.74679 ? 14 DG B "O3'" 1 
ATOM 598 C "C2'" . DG B 2 14 ? 10.67184  -4.08522  15.53139  1.000 50.66538 ? 14 DG B "C2'" 1 
ATOM 599 C "C1'" . DG B 2 14 ? 10.14156  -3.50319  14.23246  1.000 49.09858 ? 14 DG B "C1'" 1 
ATOM 600 N N9    . DG B 2 14 ? 8.94283   -4.15732  13.73778  1.000 42.32828 ? 14 DG B N9    1 
ATOM 601 C C8    . DG B 2 14 ? 8.65120   -5.49567  13.79813  1.000 43.36584 ? 14 DG B C8    1 
ATOM 602 N N7    . DG B 2 14 ? 7.51283   -5.80590  13.24874  1.000 38.71632 ? 14 DG B N7    1 
ATOM 603 C C5    . DG B 2 14 ? 7.01460   -4.59455  12.80239  1.000 37.70466 ? 14 DG B C5    1 
ATOM 604 C C6    . DG B 2 14 ? 5.81287   -4.31290  12.12546  1.000 37.77334 ? 14 DG B C6    1 
ATOM 605 O O6    . DG B 2 14 ? 4.91564   -5.11842  11.77750  1.000 37.23571 ? 14 DG B O6    1 
ATOM 606 N N1    . DG B 2 14 ? 5.70192   -2.94682  11.84013  1.000 33.71477 ? 14 DG B N1    1 
ATOM 607 C C2    . DG B 2 14 ? 6.63442   -1.99704  12.18025  1.000 31.97698 ? 14 DG B C2    1 
ATOM 608 N N2    . DG B 2 14 ? 6.34924   -0.74565  11.83497  1.000 32.21780 ? 14 DG B N2    1 
ATOM 609 N N3    . DG B 2 14 ? 7.76300   -2.25297  12.80997  1.000 32.71505 ? 14 DG B N3    1 
ATOM 610 C C4    . DG B 2 14 ? 7.88783   -3.56695  13.08603  1.000 37.67160 ? 14 DG B C4    1 
ATOM 611 P P     . DC B 2 15 ? 12.12524  -1.56830  17.25045  1.000 65.60958 ? 15 DC B P     1 
ATOM 612 O OP1   . DC B 2 15 ? 13.42016  -0.82866  17.38268  1.000 53.74157 ? 15 DC B OP1   1 
ATOM 613 O OP2   . DC B 2 15 ? 11.66406  -2.66302  18.17359  1.000 48.77506 ? 15 DC B OP2   1 
ATOM 614 O "O5'" . DC B 2 15 ? 11.03071  -0.41466  17.17569  1.000 47.27647 ? 15 DC B "O5'" 1 
ATOM 615 C "C5'" . DC B 2 15 ? 11.16247  0.58952   16.17609  1.000 49.96867 ? 15 DC B "C5'" 1 
ATOM 616 C "C4'" . DC B 2 15 ? 9.90317   1.41339   16.09145  1.000 54.36089 ? 15 DC B "C4'" 1 
ATOM 617 O "O4'" . DC B 2 15 ? 8.82942   0.61070   15.53870  1.000 51.26349 ? 15 DC B "O4'" 1 
ATOM 618 C "C3'" . DC B 2 15 ? 9.37748   1.90009   17.43042  1.000 49.81564 ? 15 DC B "C3'" 1 
ATOM 619 O "O3'" . DC B 2 15 ? 8.65626   3.08317   17.22097  1.000 53.09518 ? 15 DC B "O3'" 1 
ATOM 620 C "C2'" . DC B 2 15 ? 8.45625   0.76304   17.84549  1.000 45.62009 ? 15 DC B "C2'" 1 
ATOM 621 C "C1'" . DC B 2 15 ? 7.80229   0.48394   16.50727  1.000 48.73187 ? 15 DC B "C1'" 1 
ATOM 622 N N1    . DC B 2 15 ? 7.21241   -0.84924  16.36389  1.000 46.49426 ? 15 DC B N1    1 
ATOM 623 C C2    . DC B 2 15 ? 6.04449   -0.96186  15.62898  1.000 42.22663 ? 15 DC B C2    1 
ATOM 624 O O2    . DC B 2 15 ? 5.54327   0.07038   15.16956  1.000 42.56167 ? 15 DC B O2    1 
ATOM 625 N N3    . DC B 2 15 ? 5.49033   -2.18735  15.45087  1.000 38.66423 ? 15 DC B N3    1 
ATOM 626 C C4    . DC B 2 15 ? 6.08280   -3.26626  15.97622  1.000 40.54944 ? 15 DC B C4    1 
ATOM 627 N N4    . DC B 2 15 ? 5.50280   -4.44892  15.77301  1.000 41.53702 ? 15 DC B N4    1 
ATOM 628 C C5    . DC B 2 15 ? 7.29673   -3.17540  16.73549  1.000 40.25656 ? 15 DC B C5    1 
ATOM 629 C C6    . DC B 2 15 ? 7.82738   -1.95409  16.89628  1.000 45.43558 ? 15 DC B C6    1 
ATOM 630 P P     . DA B 2 16 ? 8.53762   4.13127   18.41764  1.000 61.85403 ? 16 DA B P     1 
ATOM 631 O OP1   . DA B 2 16 ? 9.81141   4.88784   18.38422  1.000 66.15487 ? 16 DA B OP1   1 
ATOM 632 O OP2   . DA B 2 16 ? 8.16625   3.31309   19.61474  1.000 41.78072 ? 16 DA B OP2   1 
ATOM 633 O "O5'" . DA B 2 16 ? 7.35814   5.15076   17.97658  1.000 51.59880 ? 16 DA B "O5'" 1 
ATOM 634 C "C5'" . DA B 2 16 ? 6.49164   4.83464   16.90246  1.000 46.41861 ? 16 DA B "C5'" 1 
ATOM 635 C "C4'" . DA B 2 16 ? 5.02703   4.84711   17.33897  1.000 43.53458 ? 16 DA B "C4'" 1 
ATOM 636 O "O4'" . DA B 2 16 ? 4.46457   3.50223   17.26851  1.000 50.27801 ? 16 DA B "O4'" 1 
ATOM 637 C "C3'" . DA B 2 16 ? 4.75245   5.28898   18.76847  1.000 43.73953 ? 16 DA B "C3'" 1 
ATOM 638 O "O3'" . DA B 2 16 ? 3.41885   5.79420   18.83963  1.000 43.38915 ? 16 DA B "O3'" 1 
ATOM 639 C "C2'" . DA B 2 16 ? 4.83118   3.96526   19.49918  1.000 42.68844 ? 16 DA B "C2'" 1 
ATOM 640 C "C1'" . DA B 2 16 ? 3.98027   3.15832   18.55155  1.000 44.14873 ? 16 DA B "C1'" 1 
ATOM 641 N N9    . DA B 2 16 ? 4.06583   1.71740   18.72749  1.000 43.61863 ? 16 DA B N9    1 
ATOM 642 C C8    . DA B 2 16 ? 4.99699   1.01183   19.43260  1.000 45.05890 ? 16 DA B C8    1 
ATOM 643 N N7    . DA B 2 16 ? 4.79819   -0.28560  19.40270  1.000 44.27357 ? 16 DA B N7    1 
ATOM 644 C C5    . DA B 2 16 ? 3.66489   -0.42518  18.62619  1.000 39.78531 ? 16 DA B C5    1 
ATOM 645 C C6    . DA B 2 16 ? 2.92909   -1.54299  18.21356  1.000 38.96990 ? 16 DA B C6    1 
ATOM 646 N N6    . DA B 2 16 ? 3.24588   -2.79218  18.53778  1.000 42.66251 ? 16 DA B N6    1 
ATOM 647 N N1    . DA B 2 16 ? 1.84810   -1.33284  17.45954  1.000 39.16219 ? 16 DA B N1    1 
ATOM 648 C C2    . DA B 2 16 ? 1.53078   -0.08275  17.13580  1.000 40.79156 ? 16 DA B C2    1 
ATOM 649 N N3    . DA B 2 16 ? 2.14884   1.04239   17.45295  1.000 37.23115 ? 16 DA B N3    1 
ATOM 650 C C4    . DA B 2 16 ? 3.21009   0.79761   18.20514  1.000 38.46033 ? 16 DA B C4    1 
# 
